data_9JTT
#
_entry.id   9JTT
#
_cell.length_a   50.435
_cell.length_b   104.059
_cell.length_c   99.474
_cell.angle_alpha   90.00
_cell.angle_beta   103.55
_cell.angle_gamma   90.00
#
_symmetry.space_group_name_H-M   'P 1 21 1'
#
loop_
_entity.id
_entity.type
_entity.pdbx_description
1 polymer Beta-glucosidase
2 non-polymer 2-AMINO-2-HYDROXYMETHYL-PROPANE-1,3-DIOL
3 non-polymer 2-(2-{2-[2-(2-METHOXY-ETHOXY)-ETHOXY]-ETHOXY}-ETHOXY)-ETHANOL
4 non-polymer 1,2-ETHANEDIOL
5 water water
#
_entity_poly.entity_id   1
_entity_poly.type   'polypeptide(L)'
_entity_poly.pdbx_seq_one_letter_code
;LKRTSFPKKFLFGAGSASYQYEGAAHIDGRGLSVWDVFTKEHPEKIADQSNGDVAQDFYHRYKEDIKSMKEMGLESFRFS
ISWSRILPNGKISGGINKLGIKFYNNLIDELLANGIKPLVTIYHWDLPQALQDEYGGFLSPKIVDDFLEYANLVFKEFGD
RVKHWATLNEPNIMTQQGYVFGAHAPGRCSHFEWNCPAGNSGTEPYIVGHHLLLCHAAAFQLYKQKYKDDQKGIIGITTA
TQMAIPLNDNVANLLAASRAIDFNIGWFLHPVVYGEYPQTMRERLGSRLPKFTEKESEMLKQSFDFIGLNYYSTDYAAAS
SFSVDPVNVSYTTDSRATLSAIKDGVPIGDPTFMSWLHIYPEGILTLLRYVKERYNNPFVMITENGMADENKGSLAEDPM
ALKDNVRIRYHREHLYYVLEAIKEGVNVGGYYAWTWMDDFEWGSGYTPRFGLNFVDFDNDLKRTPKDSYFWFKDFLAN
;
_entity_poly.pdbx_strand_id   A,B
#
# COMPACT_ATOMS: atom_id res chain seq x y z
N LEU A 1 9.44 -33.04 -15.37
CA LEU A 1 10.33 -31.88 -15.07
C LEU A 1 11.75 -32.37 -15.00
N LYS A 2 12.71 -31.48 -15.30
CA LYS A 2 14.14 -31.87 -15.32
C LYS A 2 14.99 -30.72 -14.75
N ARG A 3 16.04 -31.07 -14.02
CA ARG A 3 16.98 -30.06 -13.42
C ARG A 3 17.62 -29.24 -14.54
N THR A 4 17.92 -29.87 -15.69
CA THR A 4 18.57 -29.19 -16.84
C THR A 4 17.65 -28.11 -17.40
N SER A 5 16.38 -28.07 -17.02
CA SER A 5 15.43 -27.00 -17.42
C SER A 5 15.63 -25.75 -16.54
N PHE A 6 16.44 -25.84 -15.48
CA PHE A 6 16.67 -24.73 -14.52
C PHE A 6 18.05 -24.15 -14.81
N PRO A 7 18.31 -22.87 -14.51
CA PRO A 7 19.66 -22.33 -14.70
C PRO A 7 20.73 -23.24 -14.05
N LYS A 8 21.92 -23.30 -14.63
CA LYS A 8 23.02 -24.08 -14.01
C LYS A 8 23.39 -23.50 -12.62
N LYS A 9 23.29 -22.18 -12.38
CA LYS A 9 23.68 -21.59 -11.07
C LYS A 9 22.56 -21.71 -10.03
N PHE A 10 21.34 -22.04 -10.45
CA PHE A 10 20.20 -22.28 -9.56
C PHE A 10 20.55 -23.39 -8.53
N LEU A 11 20.31 -23.13 -7.25
CA LEU A 11 20.64 -24.07 -6.15
C LEU A 11 19.44 -24.95 -5.84
N PHE A 12 19.59 -26.27 -5.97
CA PHE A 12 18.60 -27.26 -5.51
C PHE A 12 19.12 -27.87 -4.23
N GLY A 13 18.30 -27.85 -3.19
CA GLY A 13 18.66 -28.34 -1.86
C GLY A 13 17.47 -28.85 -1.08
N ALA A 14 17.78 -29.34 0.12
CA ALA A 14 16.81 -29.72 1.17
C ALA A 14 17.30 -29.05 2.44
N GLY A 15 16.41 -28.86 3.38
CA GLY A 15 16.67 -28.04 4.58
C GLY A 15 16.42 -28.80 5.86
N SER A 16 16.98 -28.22 6.93
CA SER A 16 17.02 -28.75 8.32
C SER A 16 17.20 -27.54 9.22
N ALA A 17 16.89 -27.68 10.50
CA ALA A 17 17.18 -26.68 11.55
C ALA A 17 17.75 -27.43 12.77
N SER A 18 18.67 -26.80 13.51
CA SER A 18 19.45 -27.39 14.63
C SER A 18 18.54 -28.18 15.58
N TYR A 19 17.54 -27.51 16.17
CA TYR A 19 16.68 -28.10 17.23
C TYR A 19 15.80 -29.21 16.61
N GLN A 20 15.43 -29.07 15.35
CA GLN A 20 14.52 -30.03 14.68
C GLN A 20 15.24 -31.34 14.39
N TYR A 21 16.58 -31.32 14.26
CA TYR A 21 17.39 -32.44 13.73
C TYR A 21 18.42 -32.99 14.75
N GLU A 22 19.21 -32.14 15.40
CA GLU A 22 20.51 -32.57 15.98
C GLU A 22 20.37 -33.61 17.13
N GLY A 23 19.45 -33.39 18.08
CA GLY A 23 19.52 -34.11 19.37
C GLY A 23 20.74 -33.68 20.16
N ALA A 24 21.38 -34.62 20.88
CA ALA A 24 22.55 -34.38 21.75
C ALA A 24 22.36 -33.02 22.45
N ALA A 25 21.15 -32.76 22.95
CA ALA A 25 20.77 -31.43 23.48
C ALA A 25 21.50 -31.11 24.79
N HIS A 26 21.81 -32.11 25.61
CA HIS A 26 22.36 -31.88 26.98
C HIS A 26 23.73 -32.51 27.14
N ILE A 27 24.38 -32.76 26.02
CA ILE A 27 25.75 -33.33 26.09
C ILE A 27 26.72 -32.40 25.37
N ASP A 28 28.02 -32.65 25.58
CA ASP A 28 29.06 -31.92 24.82
C ASP A 28 29.00 -30.43 25.04
N GLY A 29 28.60 -30.01 26.22
CA GLY A 29 28.67 -28.59 26.65
C GLY A 29 27.54 -27.73 26.12
N ARG A 30 26.53 -28.30 25.45
CA ARG A 30 25.48 -27.42 24.83
C ARG A 30 24.63 -26.86 25.96
N GLY A 31 24.39 -25.54 25.93
CA GLY A 31 23.47 -24.80 26.82
C GLY A 31 22.03 -24.98 26.42
N LEU A 32 21.12 -24.80 27.37
CA LEU A 32 19.68 -24.85 27.09
C LEU A 32 19.32 -23.73 26.09
N SER A 33 18.47 -24.07 25.13
CA SER A 33 17.70 -23.10 24.34
C SER A 33 16.31 -22.93 24.96
N VAL A 34 15.62 -21.87 24.53
CA VAL A 34 14.22 -21.58 24.90
C VAL A 34 13.33 -22.72 24.42
N TRP A 35 13.77 -23.57 23.48
CA TRP A 35 12.93 -24.69 23.01
C TRP A 35 13.07 -25.92 23.88
N ASP A 36 14.25 -26.13 24.46
CA ASP A 36 14.45 -27.20 25.47
C ASP A 36 13.45 -26.90 26.59
N VAL A 37 13.50 -25.66 27.08
CA VAL A 37 12.65 -25.20 28.22
C VAL A 37 11.18 -25.31 27.80
N PHE A 38 10.82 -24.75 26.64
CA PHE A 38 9.41 -24.74 26.16
C PHE A 38 8.88 -26.18 26.06
N THR A 39 9.61 -27.10 25.45
CA THR A 39 9.11 -28.50 25.28
C THR A 39 9.02 -29.23 26.63
N LYS A 40 10.07 -29.14 27.46
CA LYS A 40 10.21 -29.77 28.80
C LYS A 40 9.15 -29.19 29.73
N GLU A 41 8.96 -27.87 29.74
CA GLU A 41 8.13 -27.17 30.77
C GLU A 41 6.71 -26.86 30.28
N HIS A 42 6.39 -27.05 29.00
CA HIS A 42 5.02 -26.83 28.48
C HIS A 42 4.68 -27.98 27.53
N PRO A 43 4.70 -29.24 28.03
CA PRO A 43 4.39 -30.39 27.18
C PRO A 43 2.94 -30.40 26.69
N GLU A 44 2.08 -29.65 27.37
CA GLU A 44 0.66 -29.51 26.99
C GLU A 44 0.53 -28.68 25.69
N LYS A 45 1.57 -27.94 25.30
CA LYS A 45 1.61 -27.13 24.05
C LYS A 45 2.29 -27.93 22.93
N ILE A 46 2.83 -29.12 23.22
CA ILE A 46 3.41 -29.96 22.16
C ILE A 46 2.37 -31.07 21.90
N ALA A 47 1.82 -31.15 20.69
CA ALA A 47 0.79 -32.13 20.29
C ALA A 47 1.08 -33.55 20.78
N ASP A 48 2.33 -34.03 20.80
CA ASP A 48 2.63 -35.41 21.29
C ASP A 48 3.49 -35.39 22.56
N GLN A 49 3.55 -34.28 23.29
CA GLN A 49 4.32 -34.09 24.54
C GLN A 49 5.75 -34.61 24.32
N SER A 50 6.35 -34.24 23.20
CA SER A 50 7.71 -34.66 22.81
C SER A 50 8.67 -33.45 22.90
N ASN A 51 9.95 -33.69 22.72
CA ASN A 51 11.01 -32.64 22.74
C ASN A 51 12.08 -33.00 21.69
N GLY A 52 13.12 -32.17 21.65
CA GLY A 52 14.26 -32.29 20.73
C GLY A 52 15.52 -32.77 21.43
N ASP A 53 15.36 -33.45 22.57
CA ASP A 53 16.50 -34.07 23.29
C ASP A 53 17.28 -34.94 22.32
N VAL A 54 16.57 -35.73 21.52
CA VAL A 54 17.24 -36.72 20.61
C VAL A 54 16.91 -36.39 19.16
N ALA A 55 15.65 -36.05 18.86
CA ALA A 55 15.21 -35.79 17.48
C ALA A 55 15.62 -36.96 16.61
N GLN A 56 16.49 -36.74 15.61
CA GLN A 56 16.96 -37.83 14.69
C GLN A 56 18.44 -38.10 14.92
N ASP A 57 19.03 -37.47 15.95
CA ASP A 57 20.45 -37.65 16.36
C ASP A 57 21.38 -37.29 15.20
N PHE A 58 21.04 -36.26 14.44
CA PHE A 58 21.88 -35.78 13.30
C PHE A 58 23.27 -35.44 13.83
N TYR A 59 23.39 -35.04 15.10
CA TYR A 59 24.66 -34.63 15.73
C TYR A 59 25.68 -35.76 15.58
N HIS A 60 25.25 -37.02 15.73
CA HIS A 60 26.12 -38.22 15.63
C HIS A 60 26.07 -38.84 14.23
N ARG A 61 24.97 -38.73 13.49
CA ARG A 61 24.75 -39.61 12.29
C ARG A 61 24.89 -38.82 10.97
N TYR A 62 25.23 -37.52 11.02
CA TYR A 62 25.29 -36.63 9.85
C TYR A 62 26.10 -37.26 8.72
N LYS A 63 27.19 -37.99 9.02
CA LYS A 63 28.04 -38.61 7.98
C LYS A 63 27.20 -39.54 7.10
N GLU A 64 26.46 -40.47 7.70
CA GLU A 64 25.58 -41.42 6.97
C GLU A 64 24.56 -40.60 6.17
N ASP A 65 23.98 -39.55 6.73
CA ASP A 65 22.85 -38.85 6.06
C ASP A 65 23.40 -38.19 4.78
N ILE A 66 24.55 -37.53 4.89
CA ILE A 66 25.20 -36.76 3.81
C ILE A 66 25.55 -37.73 2.67
N LYS A 67 25.93 -38.96 2.99
CA LYS A 67 26.13 -40.03 1.99
C LYS A 67 24.81 -40.23 1.25
N SER A 68 23.69 -40.35 1.94
CA SER A 68 22.37 -40.49 1.29
C SER A 68 22.07 -39.23 0.46
N MET A 69 22.47 -38.04 0.90
CA MET A 69 22.26 -36.78 0.14
C MET A 69 23.04 -36.84 -1.19
N LYS A 70 24.31 -37.18 -1.13
CA LYS A 70 25.19 -37.31 -2.32
C LYS A 70 24.57 -38.32 -3.30
N GLU A 71 24.08 -39.45 -2.79
CA GLU A 71 23.44 -40.51 -3.62
C GLU A 71 22.23 -39.93 -4.35
N MET A 72 21.45 -39.06 -3.71
CA MET A 72 20.25 -38.41 -4.31
C MET A 72 20.68 -37.31 -5.29
N GLY A 73 21.86 -36.73 -5.09
CA GLY A 73 22.46 -35.71 -5.99
C GLY A 73 22.18 -34.32 -5.47
N LEU A 74 22.15 -34.16 -4.16
CA LEU A 74 21.80 -32.86 -3.55
C LEU A 74 22.95 -31.88 -3.84
N GLU A 75 22.60 -30.68 -4.28
CA GLU A 75 23.56 -29.61 -4.66
C GLU A 75 23.96 -28.79 -3.44
N SER A 76 22.98 -28.50 -2.60
CA SER A 76 23.13 -27.63 -1.42
C SER A 76 22.39 -28.31 -0.28
N PHE A 77 22.83 -28.07 0.93
CA PHE A 77 22.06 -28.47 2.13
C PHE A 77 21.96 -27.25 3.06
N ARG A 78 20.73 -26.93 3.46
CA ARG A 78 20.41 -25.84 4.42
C ARG A 78 20.37 -26.45 5.82
N PHE A 79 21.10 -25.84 6.75
CA PHE A 79 21.16 -26.22 8.17
C PHE A 79 21.38 -24.96 9.00
N SER A 80 21.06 -25.01 10.29
CA SER A 80 21.12 -23.84 11.19
C SER A 80 22.09 -24.14 12.32
N ILE A 81 22.73 -23.10 12.88
CA ILE A 81 23.69 -23.25 14.00
C ILE A 81 22.91 -22.98 15.29
N SER A 82 23.03 -23.89 16.25
CA SER A 82 22.55 -23.73 17.64
C SER A 82 23.49 -22.76 18.35
N TRP A 83 22.97 -21.56 18.61
CA TRP A 83 23.66 -20.50 19.36
C TRP A 83 24.20 -21.07 20.67
N SER A 84 23.36 -21.80 21.40
CA SER A 84 23.61 -22.28 22.79
C SER A 84 24.54 -23.51 22.76
N ARG A 85 24.70 -24.15 21.58
CA ARG A 85 25.74 -25.20 21.39
C ARG A 85 27.12 -24.56 21.30
N ILE A 86 27.25 -23.38 20.71
CA ILE A 86 28.61 -22.76 20.55
C ILE A 86 28.87 -21.80 21.70
N LEU A 87 27.85 -21.12 22.21
CA LEU A 87 27.93 -20.16 23.34
C LEU A 87 26.88 -20.55 24.36
N PRO A 88 27.22 -21.43 25.34
CA PRO A 88 26.23 -21.97 26.27
C PRO A 88 25.32 -20.98 27.01
N ASN A 89 25.81 -19.76 27.29
CA ASN A 89 25.04 -18.71 28.02
C ASN A 89 24.61 -17.60 27.04
N GLY A 90 24.95 -17.77 25.77
CA GLY A 90 24.63 -16.85 24.66
C GLY A 90 25.65 -15.77 24.49
N LYS A 91 26.61 -15.61 25.41
CA LYS A 91 27.58 -14.49 25.41
C LYS A 91 29.02 -15.02 25.28
N ILE A 92 29.85 -14.28 24.52
CA ILE A 92 31.29 -14.62 24.36
C ILE A 92 31.95 -14.67 25.74
N SER A 93 31.49 -13.84 26.68
CA SER A 93 31.98 -13.76 28.09
C SER A 93 31.66 -15.07 28.82
N GLY A 94 30.73 -15.86 28.28
CA GLY A 94 30.36 -17.15 28.89
C GLY A 94 31.27 -18.28 28.46
N GLY A 95 32.18 -18.03 27.53
CA GLY A 95 33.05 -19.07 26.95
C GLY A 95 32.46 -19.62 25.66
N ILE A 96 33.35 -19.95 24.71
CA ILE A 96 33.09 -20.64 23.41
C ILE A 96 33.23 -22.15 23.65
N ASN A 97 32.17 -22.91 23.34
CA ASN A 97 32.17 -24.37 23.53
C ASN A 97 32.86 -25.00 22.32
N LYS A 98 34.10 -25.45 22.52
CA LYS A 98 34.96 -26.02 21.44
C LYS A 98 34.30 -27.23 20.77
N LEU A 99 33.63 -28.11 21.54
CA LEU A 99 32.94 -29.30 20.99
C LEU A 99 31.80 -28.88 20.02
N GLY A 100 31.08 -27.77 20.29
CA GLY A 100 30.08 -27.12 19.40
C GLY A 100 30.69 -26.66 18.08
N ILE A 101 31.79 -25.90 18.17
CA ILE A 101 32.55 -25.44 16.99
C ILE A 101 32.99 -26.66 16.19
N LYS A 102 33.52 -27.68 16.87
CA LYS A 102 34.01 -28.92 16.24
C LYS A 102 32.91 -29.56 15.41
N PHE A 103 31.74 -29.73 16.01
CA PHE A 103 30.56 -30.33 15.32
C PHE A 103 30.24 -29.59 14.00
N TYR A 104 30.15 -28.26 14.00
CA TYR A 104 29.78 -27.47 12.78
C TYR A 104 30.93 -27.56 11.76
N ASN A 105 32.18 -27.52 12.22
CA ASN A 105 33.36 -27.74 11.35
C ASN A 105 33.26 -29.11 10.65
N ASN A 106 32.97 -30.16 11.41
CA ASN A 106 32.84 -31.54 10.89
C ASN A 106 31.69 -31.62 9.89
N LEU A 107 30.54 -31.08 10.25
CA LEU A 107 29.35 -31.05 9.38
C LEU A 107 29.69 -30.40 8.02
N ILE A 108 30.22 -29.18 8.07
CA ILE A 108 30.61 -28.36 6.89
C ILE A 108 31.64 -29.13 6.05
N ASP A 109 32.65 -29.75 6.68
CA ASP A 109 33.77 -30.38 5.93
C ASP A 109 33.16 -31.61 5.26
N GLU A 110 32.20 -32.24 5.93
CA GLU A 110 31.55 -33.45 5.37
C GLU A 110 30.73 -33.05 4.13
N LEU A 111 29.89 -32.02 4.22
CA LEU A 111 29.12 -31.52 3.05
C LEU A 111 30.05 -31.26 1.86
N LEU A 112 31.14 -30.51 2.08
CA LEU A 112 31.98 -30.02 0.95
C LEU A 112 32.80 -31.19 0.40
N ALA A 113 33.15 -32.17 1.25
CA ALA A 113 33.84 -33.39 0.84
C ALA A 113 32.95 -34.17 -0.13
N ASN A 114 31.63 -34.04 0.02
CA ASN A 114 30.66 -34.81 -0.80
C ASN A 114 30.08 -33.95 -1.92
N GLY A 115 30.62 -32.74 -2.14
CA GLY A 115 30.24 -31.85 -3.25
C GLY A 115 28.96 -31.09 -2.95
N ILE A 116 28.61 -30.91 -1.68
CA ILE A 116 27.33 -30.23 -1.29
C ILE A 116 27.66 -28.86 -0.68
N LYS A 117 27.06 -27.82 -1.23
CA LYS A 117 27.29 -26.43 -0.74
C LYS A 117 26.41 -26.18 0.46
N PRO A 118 26.99 -25.81 1.64
CA PRO A 118 26.19 -25.44 2.81
C PRO A 118 25.43 -24.11 2.60
N LEU A 119 24.20 -24.05 3.07
CA LEU A 119 23.48 -22.77 3.26
C LEU A 119 23.21 -22.69 4.75
N VAL A 120 23.81 -21.73 5.44
CA VAL A 120 23.77 -21.73 6.93
C VAL A 120 22.88 -20.59 7.42
N THR A 121 21.84 -20.97 8.15
CA THR A 121 20.95 -20.07 8.90
C THR A 121 21.57 -19.81 10.26
N ILE A 122 21.95 -18.57 10.55
CA ILE A 122 22.64 -18.23 11.83
C ILE A 122 21.68 -18.49 12.98
N TYR A 123 20.40 -18.08 12.84
CA TYR A 123 19.39 -18.14 13.93
C TYR A 123 18.06 -18.70 13.42
N HIS A 124 17.74 -19.94 13.81
CA HIS A 124 16.48 -20.67 13.52
C HIS A 124 15.81 -21.01 14.86
N TRP A 125 15.61 -20.00 15.71
CA TRP A 125 14.60 -19.96 16.83
C TRP A 125 15.18 -20.52 18.13
N ASP A 126 16.35 -21.18 18.13
CA ASP A 126 16.90 -21.82 19.35
C ASP A 126 17.72 -20.81 20.14
N LEU A 127 17.06 -19.78 20.65
CA LEU A 127 17.72 -18.71 21.43
C LEU A 127 18.28 -19.34 22.71
N PRO A 128 19.49 -19.00 23.16
CA PRO A 128 19.90 -19.39 24.51
C PRO A 128 18.92 -18.95 25.60
N GLN A 129 18.45 -19.91 26.39
CA GLN A 129 17.58 -19.64 27.56
C GLN A 129 18.28 -18.61 28.46
N ALA A 130 19.62 -18.61 28.58
CA ALA A 130 20.35 -17.66 29.45
C ALA A 130 20.01 -16.23 29.00
N LEU A 131 19.80 -15.99 27.71
CA LEU A 131 19.49 -14.64 27.18
C LEU A 131 18.03 -14.31 27.49
N GLN A 132 17.11 -15.28 27.36
CA GLN A 132 15.68 -15.06 27.72
C GLN A 132 15.62 -14.71 29.21
N ASP A 133 16.23 -15.52 30.10
CA ASP A 133 16.36 -15.24 31.56
C ASP A 133 17.05 -13.88 31.80
N GLU A 134 18.14 -13.56 31.12
CA GLU A 134 18.94 -12.34 31.47
C GLU A 134 18.13 -11.07 31.19
N TYR A 135 17.51 -10.92 30.01
CA TYR A 135 16.81 -9.66 29.67
C TYR A 135 15.60 -9.92 28.77
N GLY A 136 15.01 -11.11 28.81
CA GLY A 136 13.80 -11.41 28.01
C GLY A 136 14.11 -11.51 26.52
N GLY A 137 15.35 -11.88 26.17
CA GLY A 137 15.69 -12.21 24.79
C GLY A 137 15.31 -11.05 23.86
N PHE A 138 14.53 -11.34 22.82
CA PHE A 138 14.29 -10.36 21.73
C PHE A 138 13.41 -9.20 22.24
N LEU A 139 12.85 -9.29 23.46
CA LEU A 139 12.11 -8.14 24.09
C LEU A 139 13.06 -6.96 24.37
N SER A 140 14.35 -7.22 24.53
CA SER A 140 15.38 -6.19 24.85
C SER A 140 16.29 -5.82 23.66
N PRO A 141 16.73 -4.54 23.57
CA PRO A 141 17.77 -4.11 22.64
C PRO A 141 19.14 -4.76 22.89
N LYS A 142 19.37 -5.28 24.10
CA LYS A 142 20.64 -5.95 24.48
C LYS A 142 20.86 -7.16 23.56
N ILE A 143 19.79 -7.70 22.97
CA ILE A 143 19.93 -8.90 22.09
C ILE A 143 20.87 -8.58 20.91
N VAL A 144 20.95 -7.32 20.48
CA VAL A 144 21.58 -6.95 19.19
C VAL A 144 23.08 -7.20 19.32
N ASP A 145 23.70 -6.76 20.43
CA ASP A 145 25.16 -6.88 20.64
C ASP A 145 25.50 -8.37 20.81
N ASP A 146 24.69 -9.13 21.54
CA ASP A 146 24.88 -10.58 21.73
C ASP A 146 24.71 -11.30 20.40
N PHE A 147 23.73 -10.89 19.58
CA PHE A 147 23.55 -11.43 18.21
C PHE A 147 24.74 -11.08 17.31
N LEU A 148 25.21 -9.85 17.36
CA LEU A 148 26.41 -9.37 16.60
C LEU A 148 27.65 -10.25 16.89
N GLU A 149 27.97 -10.44 18.16
CA GLU A 149 29.18 -11.18 18.60
C GLU A 149 29.00 -12.65 18.17
N TYR A 150 27.77 -13.16 18.20
CA TYR A 150 27.49 -14.55 17.78
C TYR A 150 27.73 -14.66 16.27
N ALA A 151 27.10 -13.76 15.50
CA ALA A 151 27.28 -13.67 14.02
C ALA A 151 28.78 -13.56 13.69
N ASN A 152 29.52 -12.70 14.40
CA ASN A 152 30.97 -12.47 14.23
C ASN A 152 31.74 -13.79 14.39
N LEU A 153 31.50 -14.52 15.47
CA LEU A 153 32.16 -15.83 15.72
C LEU A 153 31.86 -16.78 14.57
N VAL A 154 30.59 -16.88 14.20
CA VAL A 154 30.14 -17.80 13.11
C VAL A 154 30.90 -17.46 11.80
N PHE A 155 30.92 -16.19 11.41
CA PHE A 155 31.65 -15.77 10.19
C PHE A 155 33.15 -16.11 10.29
N LYS A 156 33.78 -15.78 11.40
CA LYS A 156 35.25 -15.97 11.58
C LYS A 156 35.61 -17.46 11.47
N GLU A 157 34.85 -18.34 12.12
CA GLU A 157 35.24 -19.78 12.24
C GLU A 157 34.80 -20.58 11.00
N PHE A 158 33.67 -20.25 10.35
CA PHE A 158 33.09 -21.13 9.29
C PHE A 158 33.11 -20.47 7.89
N GLY A 159 33.21 -19.15 7.84
CA GLY A 159 33.00 -18.35 6.62
C GLY A 159 34.08 -18.60 5.56
N ASP A 160 35.21 -19.20 5.95
CA ASP A 160 36.26 -19.62 5.00
C ASP A 160 35.69 -20.70 4.06
N ARG A 161 34.70 -21.49 4.53
CA ARG A 161 34.11 -22.65 3.79
C ARG A 161 32.63 -22.38 3.46
N VAL A 162 31.90 -21.76 4.36
CA VAL A 162 30.49 -21.36 4.15
C VAL A 162 30.42 -20.06 3.33
N LYS A 163 29.74 -20.13 2.18
CA LYS A 163 29.63 -19.01 1.20
C LYS A 163 28.17 -18.58 1.01
N HIS A 164 27.24 -19.19 1.73
CA HIS A 164 25.79 -18.85 1.70
C HIS A 164 25.24 -18.81 3.13
N TRP A 165 24.76 -17.63 3.58
CA TRP A 165 24.22 -17.39 4.94
C TRP A 165 22.77 -16.85 4.89
N ALA A 166 21.96 -17.24 5.86
CA ALA A 166 20.74 -16.54 6.30
C ALA A 166 20.97 -16.04 7.73
N THR A 167 20.78 -14.75 7.97
CA THR A 167 20.76 -14.21 9.36
C THR A 167 19.68 -14.89 10.22
N LEU A 168 18.43 -14.84 9.76
CA LEU A 168 17.22 -15.32 10.50
C LEU A 168 16.38 -16.23 9.62
N ASN A 169 15.68 -17.17 10.24
CA ASN A 169 14.58 -17.95 9.62
C ASN A 169 13.24 -17.49 10.20
N GLU A 170 12.29 -17.12 9.33
CA GLU A 170 10.86 -16.81 9.67
C GLU A 170 10.75 -16.05 11.00
N PRO A 171 11.22 -14.80 11.07
CA PRO A 171 11.05 -14.00 12.27
C PRO A 171 9.55 -13.68 12.45
N ASN A 172 8.74 -13.73 11.38
CA ASN A 172 7.29 -13.48 11.51
C ASN A 172 6.63 -14.61 12.34
N ILE A 173 6.78 -15.87 11.96
CA ILE A 173 6.25 -17.03 12.71
C ILE A 173 6.85 -17.02 14.12
N MET A 174 8.17 -16.82 14.22
CA MET A 174 8.89 -16.84 15.53
C MET A 174 8.22 -15.80 16.44
N THR A 175 7.90 -14.60 15.93
CA THR A 175 7.26 -13.52 16.72
C THR A 175 5.77 -13.86 16.94
N GLN A 176 5.04 -14.21 15.88
CA GLN A 176 3.58 -14.54 15.96
C GLN A 176 3.38 -15.66 17.00
N GLN A 177 4.05 -16.79 16.86
CA GLN A 177 3.81 -17.98 17.73
C GLN A 177 4.39 -17.75 19.14
N GLY A 178 5.56 -17.08 19.24
CA GLY A 178 6.28 -16.85 20.51
C GLY A 178 5.62 -15.81 21.39
N TYR A 179 5.03 -14.77 20.80
CA TYR A 179 4.69 -13.51 21.51
C TYR A 179 3.30 -13.01 21.12
N VAL A 180 2.56 -13.68 20.21
CA VAL A 180 1.14 -13.33 19.96
C VAL A 180 0.26 -14.48 20.46
N PHE A 181 0.53 -15.72 20.01
CA PHE A 181 -0.25 -16.94 20.36
C PHE A 181 0.34 -17.72 21.54
N GLY A 182 1.58 -17.42 21.93
CA GLY A 182 2.29 -18.17 22.98
C GLY A 182 2.31 -19.67 22.73
N ALA A 183 2.17 -20.12 21.47
CA ALA A 183 2.11 -21.55 21.03
C ALA A 183 3.53 -22.08 20.76
N HIS A 184 4.48 -21.14 20.64
CA HIS A 184 5.93 -21.40 20.49
C HIS A 184 6.71 -20.75 21.64
N ALA A 185 7.89 -21.24 21.95
CA ALA A 185 8.86 -20.55 22.83
C ALA A 185 8.95 -19.06 22.45
N PRO A 186 9.00 -18.13 23.41
CA PRO A 186 9.03 -18.44 24.84
C PRO A 186 7.65 -18.56 25.48
N GLY A 187 6.56 -18.60 24.69
CA GLY A 187 5.19 -18.90 25.20
C GLY A 187 4.56 -17.70 25.91
N ARG A 188 4.68 -16.50 25.33
CA ARG A 188 4.09 -15.23 25.84
C ARG A 188 2.90 -14.82 24.97
N CYS A 189 1.84 -14.33 25.64
CA CYS A 189 0.59 -13.89 24.95
C CYS A 189 -0.31 -13.08 25.90
N SER A 190 -1.23 -12.32 25.34
CA SER A 190 -2.19 -11.49 26.10
C SER A 190 -3.34 -12.42 26.51
N ASN A 195 -3.53 -20.16 27.29
CA ASN A 195 -3.49 -18.88 28.06
C ASN A 195 -2.05 -18.72 28.55
N CYS A 196 -1.55 -17.48 28.59
CA CYS A 196 -0.10 -17.35 28.90
C CYS A 196 0.21 -16.74 30.29
N PRO A 197 1.21 -17.27 31.06
CA PRO A 197 1.61 -16.63 32.33
C PRO A 197 2.15 -15.20 32.20
N ALA A 198 2.55 -14.77 31.01
CA ALA A 198 3.02 -13.39 30.79
C ALA A 198 2.94 -13.02 29.30
N GLY A 199 3.00 -11.73 28.99
CA GLY A 199 3.08 -11.20 27.61
C GLY A 199 2.01 -10.17 27.32
N ASN A 200 2.03 -9.62 26.10
CA ASN A 200 1.04 -8.67 25.56
C ASN A 200 1.06 -8.84 24.04
N SER A 201 0.00 -9.42 23.49
CA SER A 201 -0.10 -9.80 22.05
C SER A 201 -0.26 -8.54 21.20
N GLY A 202 -0.52 -7.37 21.81
CA GLY A 202 -0.68 -6.07 21.14
C GLY A 202 0.61 -5.26 21.04
N THR A 203 1.59 -5.47 21.92
CA THR A 203 2.79 -4.58 22.07
C THR A 203 4.10 -5.36 21.82
N GLU A 204 4.25 -6.55 22.42
CA GLU A 204 5.52 -7.32 22.43
C GLU A 204 5.91 -7.80 21.02
N PRO A 205 4.98 -8.27 20.15
CA PRO A 205 5.37 -8.66 18.79
C PRO A 205 6.15 -7.56 18.06
N TYR A 206 5.73 -6.30 18.19
CA TYR A 206 6.28 -5.18 17.38
C TYR A 206 7.64 -4.76 17.95
N ILE A 207 7.88 -5.03 19.22
CA ILE A 207 9.20 -4.81 19.89
C ILE A 207 10.16 -5.91 19.44
N VAL A 208 9.71 -7.14 19.54
CA VAL A 208 10.51 -8.35 19.18
C VAL A 208 10.89 -8.21 17.71
N GLY A 209 9.94 -7.96 16.80
CA GLY A 209 10.21 -7.79 15.36
C GLY A 209 11.25 -6.72 15.12
N HIS A 210 11.12 -5.62 15.85
CA HIS A 210 12.07 -4.49 15.77
C HIS A 210 13.49 -4.98 16.03
N HIS A 211 13.70 -5.63 17.15
CA HIS A 211 15.04 -6.10 17.60
C HIS A 211 15.54 -7.19 16.63
N LEU A 212 14.67 -8.08 16.13
CA LEU A 212 15.07 -9.05 15.08
C LEU A 212 15.70 -8.32 13.88
N LEU A 213 15.03 -7.30 13.38
CA LEU A 213 15.49 -6.55 12.21
C LEU A 213 16.81 -5.87 12.54
N LEU A 214 16.96 -5.33 13.75
CA LEU A 214 18.25 -4.67 14.15
C LEU A 214 19.40 -5.68 14.22
N CYS A 215 19.10 -6.93 14.65
CA CYS A 215 20.06 -8.06 14.67
C CYS A 215 20.45 -8.38 13.23
N HIS A 216 19.45 -8.51 12.34
CA HIS A 216 19.66 -8.79 10.91
C HIS A 216 20.58 -7.74 10.31
N ALA A 217 20.27 -6.46 10.55
CA ALA A 217 21.00 -5.34 9.93
C ALA A 217 22.44 -5.31 10.45
N ALA A 218 22.63 -5.66 11.72
CA ALA A 218 23.97 -5.61 12.36
C ALA A 218 24.82 -6.76 11.81
N ALA A 219 24.23 -7.95 11.62
CA ALA A 219 24.91 -9.14 11.08
C ALA A 219 25.24 -8.91 9.61
N PHE A 220 24.27 -8.37 8.87
CA PHE A 220 24.49 -8.07 7.43
C PHE A 220 25.66 -7.09 7.32
N GLN A 221 25.62 -6.01 8.07
CA GLN A 221 26.59 -4.90 7.89
C GLN A 221 27.98 -5.40 8.27
N LEU A 222 28.05 -6.27 9.25
CA LEU A 222 29.31 -6.85 9.74
C LEU A 222 29.89 -7.73 8.63
N TYR A 223 29.06 -8.63 8.08
CA TYR A 223 29.47 -9.46 6.91
C TYR A 223 29.93 -8.53 5.78
N LYS A 224 29.14 -7.51 5.40
CA LYS A 224 29.55 -6.62 4.27
C LYS A 224 30.93 -5.99 4.55
N GLN A 225 31.10 -5.41 5.75
CA GLN A 225 32.24 -4.51 6.08
C GLN A 225 33.48 -5.33 6.47
N LYS A 226 33.32 -6.46 7.15
CA LYS A 226 34.49 -7.21 7.71
C LYS A 226 34.79 -8.49 6.92
N TYR A 227 33.83 -9.14 6.25
CA TYR A 227 34.05 -10.55 5.84
C TYR A 227 33.83 -10.75 4.34
N LYS A 228 33.01 -9.94 3.68
CA LYS A 228 32.58 -10.21 2.28
C LYS A 228 33.75 -10.08 1.29
N ASP A 229 34.63 -9.10 1.48
CA ASP A 229 35.77 -8.92 0.56
C ASP A 229 36.65 -10.16 0.61
N ASP A 230 36.98 -10.65 1.81
CA ASP A 230 37.87 -11.82 2.03
C ASP A 230 37.16 -13.13 1.62
N GLN A 231 35.94 -13.38 2.12
CA GLN A 231 35.35 -14.74 2.07
C GLN A 231 34.56 -14.96 0.79
N LYS A 232 34.13 -13.87 0.16
CA LYS A 232 33.39 -13.87 -1.14
C LYS A 232 32.12 -14.74 -1.06
N GLY A 233 31.36 -14.64 0.02
CA GLY A 233 30.09 -15.36 0.18
C GLY A 233 28.93 -14.40 0.06
N ILE A 234 27.72 -14.88 0.28
CA ILE A 234 26.50 -14.05 0.23
C ILE A 234 25.67 -14.31 1.49
N ILE A 235 24.86 -13.33 1.84
CA ILE A 235 24.07 -13.35 3.09
C ILE A 235 22.71 -12.76 2.78
N GLY A 236 21.66 -13.44 3.19
CA GLY A 236 20.28 -12.94 3.13
C GLY A 236 19.51 -13.18 4.41
N ILE A 237 18.21 -13.30 4.27
CA ILE A 237 17.26 -13.41 5.41
C ILE A 237 16.12 -14.27 4.87
N THR A 238 15.67 -15.24 5.65
CA THR A 238 14.51 -16.08 5.25
C THR A 238 13.26 -15.65 6.04
N THR A 239 12.12 -15.49 5.38
CA THR A 239 10.84 -15.22 6.08
C THR A 239 9.77 -16.19 5.58
N ALA A 240 8.71 -16.33 6.39
CA ALA A 240 7.53 -17.19 6.10
C ALA A 240 6.66 -16.43 5.13
N THR A 241 6.29 -17.03 4.02
CA THR A 241 5.50 -16.35 2.95
C THR A 241 4.31 -17.19 2.57
N GLN A 242 3.45 -17.51 3.53
CA GLN A 242 2.04 -17.90 3.23
C GLN A 242 1.47 -16.74 2.39
N MET A 243 0.94 -17.03 1.19
CA MET A 243 0.39 -15.97 0.32
C MET A 243 -1.09 -15.70 0.68
N ALA A 244 -1.56 -14.50 0.41
CA ALA A 244 -2.99 -14.16 0.44
C ALA A 244 -3.40 -13.66 -0.94
N ILE A 245 -4.59 -14.11 -1.37
CA ILE A 245 -5.36 -13.59 -2.54
C ILE A 245 -6.69 -13.10 -1.99
N PRO A 246 -7.29 -12.08 -2.61
CA PRO A 246 -8.60 -11.59 -2.21
C PRO A 246 -9.68 -12.68 -2.30
N LEU A 247 -10.58 -12.73 -1.33
CA LEU A 247 -11.75 -13.67 -1.32
C LEU A 247 -12.53 -13.50 -2.63
N ASN A 248 -12.63 -12.25 -3.12
CA ASN A 248 -13.32 -11.87 -4.38
C ASN A 248 -12.75 -10.52 -4.81
N ASP A 249 -13.40 -9.88 -5.80
CA ASP A 249 -12.85 -8.68 -6.48
C ASP A 249 -13.49 -7.42 -5.88
N ASN A 250 -14.16 -7.52 -4.72
CA ASN A 250 -14.64 -6.34 -3.95
C ASN A 250 -13.39 -5.59 -3.48
N VAL A 251 -13.35 -4.29 -3.77
CA VAL A 251 -12.18 -3.43 -3.48
C VAL A 251 -11.76 -3.59 -2.02
N ALA A 252 -12.69 -3.77 -1.10
CA ALA A 252 -12.41 -3.96 0.34
C ALA A 252 -11.60 -5.24 0.57
N ASN A 253 -11.87 -6.30 -0.20
CA ASN A 253 -11.16 -7.60 -0.11
C ASN A 253 -9.79 -7.49 -0.81
N LEU A 254 -9.68 -6.63 -1.84
CA LEU A 254 -8.38 -6.35 -2.52
C LEU A 254 -7.45 -5.71 -1.48
N LEU A 255 -7.95 -4.75 -0.70
CA LEU A 255 -7.13 -4.04 0.30
C LEU A 255 -6.87 -4.95 1.48
N ALA A 256 -7.79 -5.86 1.82
CA ALA A 256 -7.62 -6.78 2.95
C ALA A 256 -6.44 -7.70 2.63
N ALA A 257 -6.34 -8.17 1.39
CA ALA A 257 -5.26 -9.04 0.91
C ALA A 257 -3.93 -8.26 1.01
N SER A 258 -3.94 -7.00 0.57
CA SER A 258 -2.79 -6.10 0.66
C SER A 258 -2.33 -5.95 2.12
N ARG A 259 -3.27 -5.66 3.03
CA ARG A 259 -3.04 -5.49 4.48
C ARG A 259 -2.55 -6.80 5.13
N ALA A 260 -3.10 -7.98 4.82
CA ALA A 260 -2.57 -9.24 5.38
C ALA A 260 -1.11 -9.51 4.88
N ILE A 261 -0.79 -9.14 3.64
CA ILE A 261 0.56 -9.35 3.05
C ILE A 261 1.55 -8.41 3.76
N ASP A 262 1.17 -7.14 3.93
CA ASP A 262 1.98 -6.11 4.61
C ASP A 262 2.30 -6.55 6.03
N PHE A 263 1.30 -7.06 6.75
CA PHE A 263 1.40 -7.37 8.20
C PHE A 263 2.21 -8.64 8.42
N ASN A 264 2.23 -9.55 7.44
CA ASN A 264 2.90 -10.88 7.59
C ASN A 264 4.25 -10.87 6.86
N ILE A 265 4.22 -10.70 5.55
CA ILE A 265 5.40 -10.73 4.63
C ILE A 265 6.14 -9.38 4.68
N GLY A 266 5.41 -8.28 4.45
CA GLY A 266 6.03 -6.96 4.33
C GLY A 266 6.66 -6.55 5.64
N TRP A 267 6.11 -7.02 6.77
CA TRP A 267 6.55 -6.67 8.15
C TRP A 267 8.08 -6.69 8.20
N PHE A 268 8.72 -7.75 7.70
CA PHE A 268 10.20 -7.88 7.66
C PHE A 268 10.74 -7.54 6.28
N LEU A 269 10.00 -7.76 5.20
CA LEU A 269 10.63 -7.53 3.87
C LEU A 269 10.74 -6.01 3.62
N HIS A 270 9.78 -5.19 4.07
CA HIS A 270 9.77 -3.74 3.75
C HIS A 270 11.01 -3.09 4.35
N PRO A 271 11.30 -3.29 5.66
CA PRO A 271 12.55 -2.76 6.25
C PRO A 271 13.83 -3.17 5.52
N VAL A 272 13.94 -4.42 5.07
CA VAL A 272 15.17 -4.98 4.42
C VAL A 272 15.29 -4.49 2.95
N VAL A 273 14.17 -4.22 2.26
CA VAL A 273 14.23 -3.66 0.88
C VAL A 273 14.28 -2.14 0.96
N TYR A 274 13.36 -1.48 1.70
CA TYR A 274 13.21 0.00 1.61
C TYR A 274 13.71 0.69 2.87
N GLY A 275 13.89 -0.01 4.00
CA GLY A 275 14.40 0.63 5.23
C GLY A 275 13.31 1.19 6.13
N GLU A 276 12.03 0.87 5.86
CA GLU A 276 10.87 1.32 6.67
C GLU A 276 9.91 0.14 6.81
N TYR A 277 9.05 0.16 7.84
CA TYR A 277 7.87 -0.73 7.94
C TYR A 277 6.86 -0.42 6.84
N PRO A 278 6.02 -1.41 6.44
CA PRO A 278 4.93 -1.14 5.51
C PRO A 278 4.09 -0.01 6.12
N GLN A 279 3.68 0.95 5.29
CA GLN A 279 2.95 2.16 5.73
C GLN A 279 1.62 1.76 6.41
N THR A 280 0.97 0.66 6.01
CA THR A 280 -0.30 0.23 6.62
C THR A 280 -0.06 -0.22 8.06
N MET A 281 1.14 -0.73 8.39
CA MET A 281 1.50 -1.01 9.81
C MET A 281 1.67 0.32 10.57
N ARG A 282 2.37 1.27 9.98
CA ARG A 282 2.55 2.62 10.61
C ARG A 282 1.17 3.28 10.83
N GLU A 283 0.26 3.24 9.86
CA GLU A 283 -1.09 3.89 9.91
C GLU A 283 -1.93 3.30 11.05
N ARG A 284 -1.90 1.97 11.24
CA ARG A 284 -2.76 1.22 12.19
C ARG A 284 -2.23 1.37 13.61
N LEU A 285 -0.91 1.23 13.81
CA LEU A 285 -0.31 0.95 15.13
C LEU A 285 0.20 2.22 15.81
N GLY A 286 0.41 3.32 15.09
CA GLY A 286 1.03 4.55 15.64
C GLY A 286 2.19 4.19 16.56
N SER A 287 2.13 4.54 17.83
CA SER A 287 3.25 4.41 18.81
C SER A 287 3.60 2.94 19.12
N ARG A 288 2.70 1.98 18.89
CA ARG A 288 2.97 0.55 19.22
C ARG A 288 4.04 0.00 18.28
N LEU A 289 4.27 0.63 17.14
CA LEU A 289 5.30 0.24 16.16
C LEU A 289 6.53 1.10 16.37
N PRO A 290 7.66 0.52 16.80
CA PRO A 290 8.89 1.28 16.98
C PRO A 290 9.43 1.94 15.69
N LYS A 291 10.14 3.05 15.85
CA LYS A 291 10.64 3.86 14.71
C LYS A 291 12.13 3.61 14.53
N PHE A 292 12.55 3.33 13.31
CA PHE A 292 13.99 3.20 12.97
C PHE A 292 14.60 4.61 12.98
N THR A 293 15.80 4.74 13.53
CA THR A 293 16.67 5.94 13.41
C THR A 293 16.98 6.08 11.92
N GLU A 294 17.44 7.25 11.48
CA GLU A 294 17.95 7.42 10.11
C GLU A 294 19.10 6.43 9.89
N LYS A 295 19.99 6.24 10.88
CA LYS A 295 21.17 5.33 10.75
C LYS A 295 20.69 3.89 10.48
N GLU A 296 19.82 3.41 11.36
CA GLU A 296 19.21 2.05 11.28
C GLU A 296 18.57 1.85 9.91
N SER A 297 17.80 2.85 9.45
CA SER A 297 17.04 2.82 8.18
C SER A 297 18.03 2.63 7.04
N GLU A 298 19.17 3.36 7.11
CA GLU A 298 20.31 3.25 6.15
C GLU A 298 20.92 1.86 6.22
N MET A 299 21.18 1.33 7.40
CA MET A 299 21.77 -0.02 7.57
C MET A 299 20.82 -1.11 7.01
N LEU A 300 19.52 -0.90 7.07
CA LEU A 300 18.53 -1.95 6.69
C LEU A 300 18.28 -1.97 5.17
N LYS A 301 18.29 -0.79 4.53
CA LYS A 301 17.87 -0.63 3.11
C LYS A 301 18.75 -1.54 2.25
N GLN A 302 18.20 -2.57 1.60
CA GLN A 302 18.96 -3.52 0.72
C GLN A 302 20.02 -4.27 1.56
N SER A 303 19.65 -4.63 2.79
CA SER A 303 20.51 -5.44 3.72
C SER A 303 20.36 -6.94 3.35
N PHE A 304 20.63 -7.30 2.10
CA PHE A 304 20.52 -8.69 1.61
C PHE A 304 21.20 -8.83 0.24
N ASP A 305 21.75 -10.02 0.05
CA ASP A 305 22.20 -10.56 -1.25
C ASP A 305 21.07 -11.41 -1.82
N PHE A 306 20.28 -12.04 -0.96
CA PHE A 306 19.02 -12.72 -1.39
C PHE A 306 18.00 -12.66 -0.26
N ILE A 307 16.77 -12.93 -0.62
CA ILE A 307 15.64 -13.09 0.32
C ILE A 307 15.21 -14.53 0.17
N GLY A 308 15.18 -15.27 1.28
CA GLY A 308 14.59 -16.60 1.35
C GLY A 308 13.10 -16.51 1.57
N LEU A 309 12.32 -17.16 0.70
CA LEU A 309 10.84 -17.22 0.79
C LEU A 309 10.46 -18.63 1.22
N ASN A 310 9.69 -18.75 2.31
CA ASN A 310 9.23 -20.08 2.79
C ASN A 310 7.76 -20.21 2.42
N TYR A 311 7.48 -20.88 1.31
CA TYR A 311 6.12 -20.94 0.72
C TYR A 311 5.58 -22.36 0.85
N TYR A 312 4.42 -22.51 1.49
CA TYR A 312 3.69 -23.80 1.68
C TYR A 312 2.28 -23.77 1.07
N SER A 313 1.57 -22.66 1.23
CA SER A 313 0.13 -22.55 0.91
C SER A 313 -0.27 -21.08 0.73
N THR A 314 -1.51 -20.87 0.29
CA THR A 314 -2.19 -19.57 0.11
C THR A 314 -3.52 -19.64 0.85
N ASP A 315 -3.98 -18.51 1.37
CA ASP A 315 -5.35 -18.32 1.89
C ASP A 315 -6.04 -17.20 1.11
N TYR A 316 -7.36 -17.11 1.31
CA TYR A 316 -8.24 -16.00 0.89
C TYR A 316 -8.26 -14.95 1.98
N ALA A 317 -8.11 -13.67 1.65
CA ALA A 317 -8.25 -12.58 2.62
C ALA A 317 -9.53 -11.80 2.33
N ALA A 318 -10.27 -11.47 3.40
CA ALA A 318 -11.48 -10.63 3.40
C ALA A 318 -11.29 -9.52 4.43
N ALA A 319 -11.90 -8.35 4.23
CA ALA A 319 -11.88 -7.18 5.15
C ALA A 319 -12.62 -7.56 6.42
N SER A 320 -12.09 -7.16 7.57
CA SER A 320 -12.62 -7.54 8.91
C SER A 320 -13.92 -6.78 9.21
N SER A 321 -14.99 -7.54 9.48
CA SER A 321 -16.28 -7.07 10.04
C SER A 321 -16.10 -6.71 11.53
N ASN A 328 -8.05 -4.23 24.18
CA ASN A 328 -7.95 -5.61 23.64
C ASN A 328 -7.24 -5.60 22.28
N VAL A 329 -6.37 -4.63 22.00
CA VAL A 329 -5.57 -4.61 20.75
C VAL A 329 -4.65 -5.84 20.76
N SER A 330 -4.54 -6.48 19.60
CA SER A 330 -3.62 -7.62 19.35
C SER A 330 -3.15 -7.55 17.92
N TYR A 331 -1.92 -8.00 17.66
CA TYR A 331 -1.44 -8.33 16.31
C TYR A 331 -2.60 -9.01 15.55
N THR A 332 -3.31 -9.95 16.16
CA THR A 332 -4.24 -10.84 15.43
C THR A 332 -5.28 -10.02 14.65
N THR A 333 -5.76 -8.91 15.23
CA THR A 333 -6.85 -8.05 14.71
C THR A 333 -6.28 -6.77 14.08
N ASP A 334 -4.97 -6.54 14.17
CA ASP A 334 -4.35 -5.26 13.75
C ASP A 334 -4.46 -5.09 12.24
N SER A 335 -4.54 -6.18 11.48
CA SER A 335 -4.48 -6.14 10.00
C SER A 335 -5.82 -5.67 9.42
N ARG A 336 -6.87 -5.76 10.22
CA ARG A 336 -8.28 -5.62 9.82
C ARG A 336 -8.57 -6.58 8.66
N ALA A 337 -8.10 -7.81 8.77
CA ALA A 337 -8.34 -8.79 7.70
C ALA A 337 -8.59 -10.16 8.33
N THR A 338 -9.45 -10.96 7.70
CA THR A 338 -9.74 -12.37 8.05
C THR A 338 -9.15 -13.28 6.96
N LEU A 339 -8.40 -14.33 7.34
CA LEU A 339 -7.89 -15.35 6.38
C LEU A 339 -8.73 -16.62 6.45
N SER A 340 -8.92 -17.31 5.32
CA SER A 340 -9.56 -18.65 5.24
C SER A 340 -9.10 -19.38 3.98
N ALA A 341 -9.02 -20.72 4.01
CA ALA A 341 -8.59 -21.56 2.86
C ALA A 341 -9.80 -22.02 2.06
N ILE A 342 -10.99 -21.58 2.49
CA ILE A 342 -12.29 -22.04 1.96
C ILE A 342 -13.03 -20.83 1.38
N LYS A 343 -13.65 -21.02 0.22
CA LYS A 343 -14.46 -19.96 -0.44
C LYS A 343 -15.71 -20.65 -0.98
N ASP A 344 -16.87 -20.28 -0.41
CA ASP A 344 -18.17 -20.87 -0.79
C ASP A 344 -18.08 -22.38 -0.56
N GLY A 345 -17.48 -22.77 0.57
CA GLY A 345 -17.35 -24.17 1.03
C GLY A 345 -16.55 -25.01 0.08
N VAL A 346 -15.50 -24.43 -0.52
CA VAL A 346 -14.61 -25.10 -1.52
C VAL A 346 -13.16 -24.74 -1.19
N PRO A 347 -12.35 -25.70 -0.67
CA PRO A 347 -11.00 -25.43 -0.22
C PRO A 347 -10.20 -24.82 -1.36
N ILE A 348 -9.29 -23.87 -1.08
CA ILE A 348 -8.42 -23.21 -2.10
C ILE A 348 -7.61 -24.29 -2.84
N GLY A 349 -7.28 -25.38 -2.14
CA GLY A 349 -6.56 -26.55 -2.69
C GLY A 349 -6.84 -27.75 -1.81
N ASP A 350 -6.36 -28.92 -2.18
CA ASP A 350 -6.50 -30.14 -1.33
C ASP A 350 -5.96 -29.87 0.07
N PRO A 351 -6.75 -30.11 1.15
CA PRO A 351 -6.18 -30.09 2.50
C PRO A 351 -5.21 -31.25 2.70
N THR A 352 -4.26 -31.07 3.61
CA THR A 352 -3.22 -32.07 4.01
C THR A 352 -3.27 -32.24 5.53
N PHE A 353 -2.36 -32.98 6.13
CA PHE A 353 -2.39 -33.18 7.61
C PHE A 353 -2.32 -31.84 8.34
N MET A 354 -1.48 -30.91 7.89
CA MET A 354 -1.32 -29.57 8.54
C MET A 354 -2.50 -28.67 8.17
N SER A 355 -3.24 -28.10 9.13
CA SER A 355 -4.54 -27.39 8.86
C SER A 355 -4.30 -26.19 7.92
N TRP A 356 -3.10 -25.60 7.98
CA TRP A 356 -2.73 -24.35 7.29
C TRP A 356 -2.13 -24.63 5.91
N LEU A 357 -2.04 -25.91 5.52
CA LEU A 357 -1.36 -26.34 4.30
C LEU A 357 -2.40 -26.94 3.35
N HIS A 358 -2.94 -26.12 2.47
CA HIS A 358 -3.69 -26.62 1.28
C HIS A 358 -2.74 -26.65 0.08
N ILE A 359 -2.90 -27.62 -0.84
CA ILE A 359 -2.03 -27.78 -2.03
C ILE A 359 -2.49 -26.78 -3.11
N TYR A 360 -1.82 -25.63 -3.16
CA TYR A 360 -2.16 -24.57 -4.12
C TYR A 360 -0.87 -24.12 -4.79
N PRO A 361 -0.29 -24.92 -5.71
CA PRO A 361 1.02 -24.61 -6.29
C PRO A 361 1.03 -23.31 -7.10
N GLU A 362 -0.12 -22.92 -7.71
CA GLU A 362 -0.32 -21.62 -8.41
C GLU A 362 0.14 -20.47 -7.52
N GLY A 363 -0.08 -20.60 -6.21
CA GLY A 363 0.15 -19.48 -5.28
C GLY A 363 1.63 -19.15 -5.16
N ILE A 364 2.52 -20.08 -5.46
CA ILE A 364 3.98 -19.77 -5.38
C ILE A 364 4.37 -18.82 -6.54
N LEU A 365 3.76 -18.95 -7.71
CA LEU A 365 4.00 -17.97 -8.80
C LEU A 365 3.37 -16.64 -8.39
N THR A 366 2.19 -16.68 -7.78
CA THR A 366 1.52 -15.45 -7.32
C THR A 366 2.42 -14.73 -6.30
N LEU A 367 3.00 -15.50 -5.39
CA LEU A 367 3.98 -14.92 -4.44
C LEU A 367 5.17 -14.29 -5.19
N LEU A 368 5.79 -15.03 -6.09
CA LEU A 368 7.01 -14.62 -6.81
C LEU A 368 6.69 -13.39 -7.68
N ARG A 369 5.52 -13.35 -8.32
CA ARG A 369 5.07 -12.14 -9.06
C ARG A 369 4.92 -10.96 -8.10
N TYR A 370 4.29 -11.17 -6.92
CA TYR A 370 4.04 -10.08 -5.95
C TYR A 370 5.38 -9.48 -5.47
N VAL A 371 6.31 -10.34 -5.08
CA VAL A 371 7.66 -9.97 -4.58
C VAL A 371 8.43 -9.23 -5.68
N LYS A 372 8.36 -9.71 -6.91
CA LYS A 372 8.98 -9.06 -8.09
C LYS A 372 8.47 -7.62 -8.22
N GLU A 373 7.15 -7.43 -8.14
CA GLU A 373 6.47 -6.16 -8.52
C GLU A 373 6.58 -5.19 -7.34
N ARG A 374 6.46 -5.70 -6.11
CA ARG A 374 6.45 -4.88 -4.87
C ARG A 374 7.86 -4.42 -4.50
N TYR A 375 8.85 -5.28 -4.66
CA TYR A 375 10.21 -5.06 -4.10
C TYR A 375 11.26 -4.91 -5.20
N ASN A 376 10.87 -4.60 -6.45
CA ASN A 376 11.80 -4.35 -7.60
C ASN A 376 12.65 -5.60 -7.92
N ASN A 377 12.02 -6.77 -8.00
CA ASN A 377 12.61 -8.05 -8.48
C ASN A 377 13.90 -8.35 -7.72
N PRO A 378 13.89 -8.44 -6.38
CA PRO A 378 15.12 -8.75 -5.66
C PRO A 378 15.49 -10.21 -5.96
N PHE A 379 16.76 -10.55 -5.81
CA PHE A 379 17.24 -11.96 -5.90
C PHE A 379 16.59 -12.73 -4.74
N VAL A 380 15.75 -13.73 -5.07
CA VAL A 380 15.07 -14.60 -4.08
C VAL A 380 15.42 -16.07 -4.31
N MET A 381 15.27 -16.87 -3.24
CA MET A 381 15.32 -18.36 -3.21
C MET A 381 14.11 -18.83 -2.39
N ILE A 382 13.50 -19.93 -2.84
CA ILE A 382 12.53 -20.69 -2.02
C ILE A 382 13.37 -21.50 -1.01
N THR A 383 13.49 -21.02 0.23
CA THR A 383 14.37 -21.67 1.23
C THR A 383 13.64 -22.79 1.93
N GLU A 384 12.30 -22.81 1.84
CA GLU A 384 11.44 -23.95 2.24
C GLU A 384 10.22 -24.08 1.32
N ASN A 385 9.88 -25.31 0.97
CA ASN A 385 8.64 -25.70 0.27
C ASN A 385 8.52 -27.23 0.42
N GLY A 386 7.36 -27.66 0.90
CA GLY A 386 7.09 -29.09 1.10
C GLY A 386 5.80 -29.29 1.83
N MET A 387 5.48 -30.54 2.15
CA MET A 387 4.26 -30.84 2.94
C MET A 387 4.50 -32.10 3.76
N ALA A 388 3.57 -32.38 4.65
CA ALA A 388 3.64 -33.41 5.72
C ALA A 388 2.50 -34.41 5.53
N ASP A 389 2.84 -35.67 5.78
CA ASP A 389 1.87 -36.78 6.03
C ASP A 389 1.77 -36.98 7.55
N GLU A 390 0.62 -37.45 8.02
CA GLU A 390 0.43 -37.73 9.46
C GLU A 390 1.40 -38.84 9.88
N ASN A 391 1.96 -38.72 11.07
CA ASN A 391 2.82 -39.78 11.65
C ASN A 391 1.87 -40.87 12.11
N LYS A 392 1.95 -42.08 11.55
CA LYS A 392 1.07 -43.22 11.91
C LYS A 392 1.91 -44.33 12.53
N GLY A 393 3.06 -43.95 13.08
CA GLY A 393 3.97 -44.89 13.77
C GLY A 393 5.09 -45.39 12.89
N SER A 394 5.60 -46.57 13.24
CA SER A 394 6.81 -47.20 12.66
C SER A 394 6.48 -47.61 11.22
N LEU A 395 7.51 -47.92 10.45
CA LEU A 395 7.41 -48.43 9.06
C LEU A 395 6.50 -49.66 9.03
N ALA A 396 6.69 -50.58 9.99
CA ALA A 396 5.87 -51.82 10.13
C ALA A 396 4.42 -51.42 10.42
N GLU A 397 4.20 -50.39 11.23
CA GLU A 397 2.82 -49.91 11.56
C GLU A 397 2.24 -49.14 10.37
N ASP A 398 3.09 -48.57 9.50
CA ASP A 398 2.69 -47.61 8.43
C ASP A 398 3.42 -47.99 7.14
N PRO A 399 3.12 -49.18 6.56
CA PRO A 399 3.88 -49.69 5.41
C PRO A 399 3.78 -48.74 4.22
N MET A 400 2.68 -47.96 4.12
CA MET A 400 2.37 -47.00 3.01
C MET A 400 3.07 -45.63 3.19
N ALA A 401 3.75 -45.38 4.31
CA ALA A 401 4.49 -44.12 4.57
C ALA A 401 5.48 -43.80 3.45
N LEU A 402 6.00 -44.79 2.72
CA LEU A 402 7.09 -44.59 1.72
C LEU A 402 6.48 -44.14 0.37
N LYS A 403 5.17 -44.34 0.18
CA LYS A 403 4.50 -44.16 -1.13
C LYS A 403 3.93 -42.76 -1.17
N ASP A 404 4.80 -41.75 -1.15
CA ASP A 404 4.36 -40.37 -0.82
C ASP A 404 4.04 -39.67 -2.13
N ASN A 405 3.05 -40.21 -2.86
CA ASN A 405 2.66 -39.72 -4.21
C ASN A 405 2.16 -38.29 -4.07
N VAL A 406 1.53 -37.98 -2.95
CA VAL A 406 1.01 -36.59 -2.75
C VAL A 406 2.18 -35.62 -2.63
N ARG A 407 3.20 -36.00 -1.84
CA ARG A 407 4.44 -35.18 -1.68
C ARG A 407 5.04 -34.99 -3.06
N ILE A 408 5.16 -36.07 -3.82
CA ILE A 408 5.79 -36.08 -5.18
C ILE A 408 5.05 -35.08 -6.07
N ARG A 409 3.69 -35.12 -6.07
CA ARG A 409 2.82 -34.18 -6.83
C ARG A 409 3.05 -32.76 -6.31
N TYR A 410 3.17 -32.58 -5.00
CA TYR A 410 3.34 -31.24 -4.37
C TYR A 410 4.61 -30.57 -4.93
N HIS A 411 5.75 -31.24 -4.82
CA HIS A 411 7.05 -30.76 -5.33
C HIS A 411 7.05 -30.53 -6.85
N ARG A 412 6.51 -31.47 -7.61
CA ARG A 412 6.46 -31.38 -9.08
C ARG A 412 5.71 -30.11 -9.49
N GLU A 413 4.48 -29.90 -8.97
CA GLU A 413 3.63 -28.77 -9.45
C GLU A 413 4.24 -27.44 -8.99
N HIS A 414 4.81 -27.38 -7.78
CA HIS A 414 5.44 -26.14 -7.25
C HIS A 414 6.63 -25.78 -8.15
N LEU A 415 7.46 -26.74 -8.53
CA LEU A 415 8.65 -26.47 -9.38
C LEU A 415 8.21 -26.09 -10.80
N TYR A 416 7.11 -26.66 -11.30
CA TYR A 416 6.49 -26.20 -12.57
C TYR A 416 6.31 -24.67 -12.51
N TYR A 417 5.72 -24.19 -11.41
CA TYR A 417 5.39 -22.75 -11.23
C TYR A 417 6.67 -21.94 -10.97
N VAL A 418 7.67 -22.48 -10.27
CA VAL A 418 8.97 -21.77 -10.12
C VAL A 418 9.58 -21.59 -11.52
N LEU A 419 9.54 -22.61 -12.35
CA LEU A 419 10.06 -22.54 -13.74
C LEU A 419 9.21 -21.52 -14.51
N GLU A 420 7.88 -21.48 -14.30
CA GLU A 420 7.09 -20.39 -14.92
C GLU A 420 7.67 -19.06 -14.44
N ALA A 421 7.93 -18.88 -13.14
CA ALA A 421 8.46 -17.63 -12.55
C ALA A 421 9.69 -17.17 -13.36
N ILE A 422 10.62 -18.12 -13.61
CA ILE A 422 11.91 -17.86 -14.34
C ILE A 422 11.64 -17.35 -15.76
N LYS A 423 10.75 -18.00 -16.49
CA LYS A 423 10.27 -17.60 -17.85
C LYS A 423 9.68 -16.18 -17.80
N GLU A 424 9.19 -15.70 -16.64
CA GLU A 424 8.60 -14.34 -16.52
C GLU A 424 9.61 -13.34 -15.94
N GLY A 425 10.87 -13.72 -15.85
CA GLY A 425 11.94 -12.77 -15.49
C GLY A 425 11.97 -12.50 -14.00
N VAL A 426 11.28 -13.31 -13.18
CA VAL A 426 11.50 -13.28 -11.71
C VAL A 426 12.93 -13.75 -11.41
N ASN A 427 13.67 -13.05 -10.57
CA ASN A 427 15.06 -13.41 -10.15
C ASN A 427 15.06 -14.43 -9.01
N VAL A 428 14.50 -15.62 -9.24
CA VAL A 428 14.55 -16.78 -8.30
C VAL A 428 15.75 -17.65 -8.69
N GLY A 429 16.65 -17.95 -7.74
CA GLY A 429 17.88 -18.73 -7.97
C GLY A 429 18.09 -19.84 -6.97
N GLY A 430 17.04 -20.35 -6.34
CA GLY A 430 17.19 -21.48 -5.41
C GLY A 430 15.85 -22.08 -5.01
N TYR A 431 15.88 -23.35 -4.64
CA TYR A 431 14.69 -24.10 -4.15
C TYR A 431 15.21 -25.14 -3.16
N TYR A 432 14.71 -25.10 -1.92
CA TYR A 432 15.09 -26.02 -0.82
C TYR A 432 13.82 -26.69 -0.30
N ALA A 433 13.80 -28.01 -0.43
CA ALA A 433 12.69 -28.82 0.05
C ALA A 433 12.63 -28.80 1.56
N TRP A 434 11.44 -28.76 2.09
CA TRP A 434 11.25 -28.99 3.54
C TRP A 434 10.55 -30.36 3.58
N THR A 435 11.26 -31.39 4.02
CA THR A 435 12.58 -31.36 4.71
C THR A 435 13.36 -32.64 4.34
N TRP A 436 14.62 -32.69 4.70
CA TRP A 436 15.47 -33.85 4.35
C TRP A 436 14.88 -35.15 4.92
N MET A 437 14.64 -35.18 6.24
CA MET A 437 14.14 -36.39 6.94
C MET A 437 13.04 -35.96 7.91
N ASP A 438 12.10 -36.87 8.22
CA ASP A 438 11.04 -36.60 9.22
C ASP A 438 11.71 -36.11 10.51
N ASP A 439 11.09 -35.13 11.16
CA ASP A 439 11.77 -34.32 12.19
C ASP A 439 10.80 -33.84 13.24
N PHE A 440 11.35 -33.13 14.23
CA PHE A 440 10.60 -32.38 15.24
C PHE A 440 10.02 -31.12 14.59
N GLU A 441 8.69 -30.91 14.76
CA GLU A 441 7.94 -29.81 14.14
C GLU A 441 7.29 -28.99 15.24
N TRP A 442 8.09 -28.62 16.24
CA TRP A 442 7.76 -27.49 17.13
C TRP A 442 6.51 -27.85 17.96
N GLY A 443 5.47 -27.04 17.95
CA GLY A 443 4.19 -27.29 18.62
C GLY A 443 3.53 -28.57 18.16
N SER A 444 3.83 -29.05 16.95
CA SER A 444 3.23 -30.29 16.38
C SER A 444 4.01 -31.53 16.83
N GLY A 445 5.19 -31.35 17.44
CA GLY A 445 6.10 -32.46 17.79
C GLY A 445 6.38 -33.29 16.54
N TYR A 446 6.38 -34.63 16.66
CA TYR A 446 6.78 -35.54 15.56
C TYR A 446 5.52 -35.99 14.81
N THR A 447 4.36 -35.39 15.06
CA THR A 447 3.07 -35.76 14.43
C THR A 447 3.13 -35.52 12.94
N PRO A 448 3.89 -34.52 12.38
CA PRO A 448 3.97 -34.37 10.93
C PRO A 448 5.31 -34.86 10.35
N ARG A 449 5.21 -35.68 9.31
CA ARG A 449 6.34 -36.25 8.56
C ARG A 449 6.51 -35.44 7.25
N PHE A 450 7.49 -34.53 7.20
CA PHE A 450 7.75 -33.63 6.03
C PHE A 450 8.91 -34.17 5.19
N GLY A 451 9.54 -35.29 5.59
CA GLY A 451 10.83 -35.76 5.05
C GLY A 451 10.75 -36.37 3.65
N LEU A 452 11.82 -36.23 2.88
CA LEU A 452 12.09 -37.08 1.70
C LEU A 452 12.55 -38.46 2.20
N ASN A 453 13.01 -38.52 3.43
CA ASN A 453 13.44 -39.76 4.12
C ASN A 453 12.53 -40.02 5.32
N PHE A 454 12.04 -41.26 5.44
CA PHE A 454 11.27 -41.75 6.60
C PHE A 454 12.23 -42.01 7.77
N VAL A 455 11.86 -41.55 8.96
CA VAL A 455 12.61 -41.78 10.23
C VAL A 455 11.78 -42.68 11.10
N ASP A 456 12.28 -43.87 11.39
CA ASP A 456 11.57 -44.84 12.24
C ASP A 456 12.05 -44.61 13.68
N PHE A 457 11.27 -43.88 14.48
CA PHE A 457 11.67 -43.41 15.83
C PHE A 457 11.58 -44.58 16.84
N ASP A 458 10.97 -45.71 16.44
CA ASP A 458 10.84 -46.97 17.24
C ASP A 458 11.88 -48.00 16.80
N ASN A 459 12.66 -47.69 15.74
CA ASN A 459 13.66 -48.59 15.12
C ASN A 459 15.00 -47.87 15.01
N ASP A 460 15.49 -47.34 16.14
CA ASP A 460 16.82 -46.72 16.30
C ASP A 460 16.97 -45.61 15.24
N LEU A 461 15.91 -44.86 14.99
CA LEU A 461 15.90 -43.67 14.08
C LEU A 461 16.40 -44.09 12.68
N LYS A 462 16.07 -45.31 12.23
CA LYS A 462 16.45 -45.80 10.88
C LYS A 462 15.83 -44.86 9.83
N ARG A 463 16.66 -44.45 8.87
CA ARG A 463 16.29 -43.60 7.70
C ARG A 463 16.01 -44.53 6.53
N THR A 464 14.82 -44.43 5.94
CA THR A 464 14.45 -45.15 4.69
C THR A 464 14.01 -44.10 3.68
N PRO A 465 14.69 -43.98 2.51
CA PRO A 465 14.24 -43.05 1.48
C PRO A 465 12.81 -43.34 1.06
N LYS A 466 11.98 -42.28 0.96
CA LYS A 466 10.58 -42.37 0.47
C LYS A 466 10.63 -42.38 -1.06
N ASP A 467 9.50 -42.59 -1.72
CA ASP A 467 9.44 -42.52 -3.20
C ASP A 467 9.86 -41.12 -3.66
N SER A 468 9.55 -40.07 -2.88
CA SER A 468 9.90 -38.66 -3.20
C SER A 468 11.42 -38.52 -3.40
N TYR A 469 12.20 -39.26 -2.60
CA TYR A 469 13.69 -39.29 -2.67
C TYR A 469 14.08 -39.69 -4.11
N PHE A 470 13.47 -40.76 -4.62
CA PHE A 470 13.83 -41.36 -5.94
C PHE A 470 13.37 -40.45 -7.09
N TRP A 471 12.26 -39.73 -6.91
CA TRP A 471 11.75 -38.73 -7.86
C TRP A 471 12.75 -37.56 -7.92
N PHE A 472 13.27 -37.12 -6.79
CA PHE A 472 14.25 -36.00 -6.76
C PHE A 472 15.57 -36.48 -7.37
N LYS A 473 15.91 -37.73 -7.13
CA LYS A 473 17.12 -38.36 -7.70
C LYS A 473 17.01 -38.30 -9.23
N ASP A 474 15.90 -38.80 -9.75
CA ASP A 474 15.67 -38.78 -11.22
C ASP A 474 15.68 -37.32 -11.70
N PHE A 475 15.00 -36.42 -10.99
CA PHE A 475 14.84 -34.98 -11.35
C PHE A 475 16.24 -34.35 -11.52
N LEU A 476 17.10 -34.51 -10.51
CA LEU A 476 18.43 -33.85 -10.44
C LEU A 476 19.41 -34.46 -11.46
N ALA A 477 19.20 -35.71 -11.87
CA ALA A 477 20.12 -36.45 -12.77
C ALA A 477 19.92 -36.05 -14.24
N ASN A 478 18.79 -35.39 -14.57
CA ASN A 478 18.30 -35.20 -15.95
C ASN A 478 18.03 -33.72 -16.24
N LEU B 1 -35.61 6.84 -8.52
CA LEU B 1 -34.66 7.54 -7.61
C LEU B 1 -35.30 8.86 -7.16
N LYS B 2 -35.38 9.09 -5.84
CA LYS B 2 -35.98 10.30 -5.23
C LYS B 2 -35.06 10.85 -4.13
N ARG B 3 -35.12 12.16 -3.90
CA ARG B 3 -34.34 12.83 -2.83
C ARG B 3 -34.74 12.21 -1.47
N THR B 4 -36.01 11.80 -1.29
CA THR B 4 -36.51 11.20 -0.03
C THR B 4 -35.71 9.93 0.29
N SER B 5 -35.13 9.25 -0.71
CA SER B 5 -34.32 7.99 -0.51
C SER B 5 -32.93 8.30 0.13
N PHE B 6 -32.45 9.53 0.06
CA PHE B 6 -31.21 9.95 0.74
C PHE B 6 -31.50 10.50 2.14
N PRO B 7 -30.53 10.40 3.10
CA PRO B 7 -30.63 11.04 4.41
C PRO B 7 -31.03 12.52 4.29
N LYS B 8 -31.86 12.99 5.21
CA LYS B 8 -32.37 14.39 5.22
C LYS B 8 -31.21 15.39 5.32
N LYS B 9 -30.09 15.03 5.96
CA LYS B 9 -28.94 15.94 6.19
C LYS B 9 -27.93 15.82 5.03
N PHE B 10 -28.14 14.88 4.11
CA PHE B 10 -27.39 14.79 2.83
C PHE B 10 -27.62 16.07 2.02
N LEU B 11 -26.56 16.68 1.48
CA LEU B 11 -26.65 17.96 0.73
C LEU B 11 -26.65 17.66 -0.77
N PHE B 12 -27.70 18.07 -1.47
CA PHE B 12 -27.73 18.11 -2.95
C PHE B 12 -27.47 19.53 -3.45
N GLY B 13 -26.45 19.66 -4.29
CA GLY B 13 -26.05 20.94 -4.87
C GLY B 13 -25.62 20.81 -6.31
N ALA B 14 -25.14 21.94 -6.84
CA ALA B 14 -24.52 22.14 -8.15
C ALA B 14 -23.37 23.11 -7.90
N GLY B 15 -22.40 23.06 -8.80
CA GLY B 15 -21.10 23.72 -8.61
C GLY B 15 -20.84 24.75 -9.68
N SER B 16 -19.85 25.58 -9.34
CA SER B 16 -19.27 26.65 -10.17
C SER B 16 -17.83 26.88 -9.70
N ALA B 17 -17.09 27.70 -10.46
CA ALA B 17 -15.77 28.23 -10.07
C ALA B 17 -15.65 29.66 -10.62
N SER B 18 -14.87 30.50 -9.95
CA SER B 18 -14.80 31.95 -10.27
C SER B 18 -14.42 32.15 -11.75
N TYR B 19 -13.28 31.65 -12.25
CA TYR B 19 -12.80 32.02 -13.61
C TYR B 19 -13.75 31.45 -14.66
N GLN B 20 -14.36 30.28 -14.37
CA GLN B 20 -15.28 29.55 -15.30
C GLN B 20 -16.61 30.29 -15.46
N TYR B 21 -17.01 31.16 -14.52
CA TYR B 21 -18.40 31.69 -14.42
C TYR B 21 -18.49 33.22 -14.50
N GLU B 22 -17.68 33.94 -13.73
CA GLU B 22 -17.95 35.33 -13.27
C GLU B 22 -17.87 36.28 -14.46
N GLY B 23 -16.84 36.15 -15.29
CA GLY B 23 -16.50 37.25 -16.19
C GLY B 23 -16.16 38.50 -15.42
N ALA B 24 -16.45 39.67 -15.99
CA ALA B 24 -16.01 40.96 -15.39
C ALA B 24 -14.54 40.85 -14.96
N ALA B 25 -13.66 40.34 -15.83
CA ALA B 25 -12.27 39.97 -15.47
C ALA B 25 -11.48 41.23 -15.21
N HIS B 26 -11.77 42.30 -15.96
CA HIS B 26 -10.92 43.51 -16.02
C HIS B 26 -11.75 44.72 -15.59
N ILE B 27 -12.70 44.51 -14.69
CA ILE B 27 -13.65 45.56 -14.19
C ILE B 27 -13.64 45.56 -12.66
N ASP B 28 -14.07 46.66 -12.03
CA ASP B 28 -14.36 46.73 -10.58
C ASP B 28 -13.19 46.17 -9.78
N GLY B 29 -11.97 46.58 -10.14
CA GLY B 29 -10.78 46.43 -9.28
C GLY B 29 -10.05 45.09 -9.45
N ARG B 30 -10.59 44.12 -10.20
CA ARG B 30 -10.01 42.75 -10.22
C ARG B 30 -8.62 42.77 -10.86
N GLY B 31 -7.63 42.21 -10.19
CA GLY B 31 -6.27 42.06 -10.72
C GLY B 31 -6.23 40.84 -11.59
N LEU B 32 -5.14 40.70 -12.34
CA LEU B 32 -4.98 39.53 -13.22
C LEU B 32 -4.71 38.29 -12.36
N SER B 33 -5.18 37.15 -12.85
CA SER B 33 -4.80 35.78 -12.40
C SER B 33 -3.96 35.12 -13.50
N VAL B 34 -3.28 34.04 -13.14
CA VAL B 34 -2.46 33.19 -14.04
C VAL B 34 -3.33 32.67 -15.19
N TRP B 35 -4.65 32.59 -15.02
CA TRP B 35 -5.52 32.14 -16.15
C TRP B 35 -5.82 33.27 -17.15
N ASP B 36 -6.01 34.52 -16.70
CA ASP B 36 -6.16 35.69 -17.61
C ASP B 36 -4.93 35.71 -18.54
N VAL B 37 -3.76 35.52 -17.94
CA VAL B 37 -2.45 35.54 -18.65
C VAL B 37 -2.33 34.30 -19.53
N PHE B 38 -2.60 33.10 -19.01
CA PHE B 38 -2.39 31.84 -19.79
C PHE B 38 -3.24 31.86 -21.09
N THR B 39 -4.48 32.32 -20.98
CA THR B 39 -5.46 32.40 -22.11
C THR B 39 -5.02 33.46 -23.12
N LYS B 40 -4.34 34.51 -22.67
CA LYS B 40 -3.82 35.56 -23.59
C LYS B 40 -2.54 35.06 -24.28
N GLU B 41 -1.62 34.49 -23.49
CA GLU B 41 -0.23 34.19 -23.93
C GLU B 41 -0.20 32.83 -24.62
N HIS B 42 -1.18 31.96 -24.38
CA HIS B 42 -1.22 30.60 -24.95
C HIS B 42 -2.58 30.23 -25.51
N PRO B 43 -3.13 31.04 -26.45
CA PRO B 43 -4.40 30.70 -27.10
C PRO B 43 -4.35 29.38 -27.88
N GLU B 44 -3.16 28.96 -28.29
CA GLU B 44 -2.95 27.63 -28.93
C GLU B 44 -3.34 26.53 -27.93
N LYS B 45 -3.26 26.79 -26.64
CA LYS B 45 -3.54 25.74 -25.62
C LYS B 45 -5.00 25.85 -25.16
N ILE B 46 -5.80 26.72 -25.78
CA ILE B 46 -7.28 26.71 -25.62
C ILE B 46 -7.90 26.24 -26.94
N ALA B 47 -8.75 25.20 -26.90
CA ALA B 47 -9.26 24.51 -28.11
C ALA B 47 -10.00 25.49 -29.05
N ASP B 48 -10.63 26.56 -28.52
CA ASP B 48 -11.37 27.56 -29.32
C ASP B 48 -10.77 28.96 -29.10
N GLN B 49 -9.52 29.03 -28.65
CA GLN B 49 -8.74 30.28 -28.38
C GLN B 49 -9.59 31.33 -27.67
N SER B 50 -10.29 30.92 -26.61
CA SER B 50 -11.29 31.72 -25.87
C SER B 50 -10.68 32.13 -24.53
N ASN B 51 -11.41 32.92 -23.74
CA ASN B 51 -10.95 33.30 -22.38
C ASN B 51 -12.16 33.50 -21.48
N GLY B 52 -11.88 33.76 -20.20
CA GLY B 52 -12.92 34.00 -19.18
C GLY B 52 -13.19 35.49 -18.96
N ASP B 53 -12.89 36.36 -19.94
CA ASP B 53 -13.12 37.81 -19.78
C ASP B 53 -14.61 38.05 -19.45
N VAL B 54 -15.50 37.30 -20.10
CA VAL B 54 -16.97 37.44 -20.00
C VAL B 54 -17.53 36.16 -19.36
N ALA B 55 -17.17 34.98 -19.88
CA ALA B 55 -17.67 33.67 -19.40
C ALA B 55 -19.19 33.70 -19.47
N GLN B 56 -19.90 33.60 -18.35
CA GLN B 56 -21.39 33.72 -18.36
C GLN B 56 -21.82 35.00 -17.64
N ASP B 57 -20.89 35.92 -17.39
CA ASP B 57 -21.21 37.21 -16.70
C ASP B 57 -21.98 36.87 -15.41
N PHE B 58 -21.55 35.85 -14.67
CA PHE B 58 -22.21 35.46 -13.40
C PHE B 58 -22.05 36.62 -12.41
N TYR B 59 -20.98 37.40 -12.53
CA TYR B 59 -20.72 38.59 -11.68
C TYR B 59 -21.92 39.55 -11.65
N HIS B 60 -22.59 39.73 -12.78
CA HIS B 60 -23.75 40.64 -12.94
C HIS B 60 -25.09 39.89 -12.80
N ARG B 61 -25.14 38.62 -13.19
CA ARG B 61 -26.43 37.93 -13.48
C ARG B 61 -26.85 36.95 -12.37
N TYR B 62 -26.15 36.92 -11.24
CA TYR B 62 -26.21 35.86 -10.20
C TYR B 62 -27.61 35.78 -9.59
N LYS B 63 -28.30 36.92 -9.49
CA LYS B 63 -29.64 37.01 -8.86
C LYS B 63 -30.62 36.12 -9.63
N GLU B 64 -30.76 36.35 -10.93
CA GLU B 64 -31.62 35.53 -11.83
C GLU B 64 -31.26 34.05 -11.70
N ASP B 65 -29.95 33.74 -11.70
CA ASP B 65 -29.39 32.36 -11.70
C ASP B 65 -29.76 31.65 -10.40
N ILE B 66 -29.62 32.36 -9.27
CA ILE B 66 -29.97 31.80 -7.93
C ILE B 66 -31.50 31.59 -7.84
N LYS B 67 -32.32 32.46 -8.44
CA LYS B 67 -33.82 32.31 -8.46
C LYS B 67 -34.15 31.00 -9.19
N SER B 68 -33.39 30.69 -10.25
CA SER B 68 -33.49 29.43 -11.03
C SER B 68 -33.12 28.25 -10.13
N MET B 69 -32.04 28.39 -9.34
CA MET B 69 -31.52 27.33 -8.43
C MET B 69 -32.62 27.01 -7.42
N LYS B 70 -33.20 28.03 -6.78
CA LYS B 70 -34.30 27.87 -5.79
C LYS B 70 -35.50 27.14 -6.45
N GLU B 71 -35.90 27.54 -7.66
CA GLU B 71 -37.05 26.90 -8.37
C GLU B 71 -36.75 25.42 -8.65
N MET B 72 -35.48 25.05 -8.91
CA MET B 72 -35.06 23.62 -9.14
C MET B 72 -35.10 22.85 -7.82
N GLY B 73 -34.88 23.56 -6.70
CA GLY B 73 -34.95 23.00 -5.33
C GLY B 73 -33.56 22.77 -4.76
N LEU B 74 -32.55 23.47 -5.29
CA LEU B 74 -31.14 23.30 -4.87
C LEU B 74 -31.06 23.63 -3.36
N GLU B 75 -30.34 22.80 -2.59
CA GLU B 75 -30.11 22.90 -1.12
C GLU B 75 -28.78 23.63 -0.86
N SER B 76 -27.82 23.47 -1.75
CA SER B 76 -26.44 24.00 -1.60
C SER B 76 -25.94 24.39 -3.00
N PHE B 77 -25.12 25.44 -3.07
CA PHE B 77 -24.46 25.91 -4.31
C PHE B 77 -22.97 26.07 -4.00
N ARG B 78 -22.11 25.42 -4.79
CA ARG B 78 -20.65 25.44 -4.61
C ARG B 78 -20.18 26.57 -5.52
N PHE B 79 -19.30 27.44 -4.99
CA PHE B 79 -18.64 28.52 -5.79
C PHE B 79 -17.22 28.73 -5.25
N SER B 80 -16.36 29.41 -6.02
CA SER B 80 -15.00 29.76 -5.56
C SER B 80 -14.84 31.29 -5.54
N ILE B 81 -13.95 31.78 -4.68
CA ILE B 81 -13.57 33.22 -4.59
C ILE B 81 -12.32 33.41 -5.45
N SER B 82 -12.37 34.39 -6.37
CA SER B 82 -11.21 34.99 -7.05
C SER B 82 -10.35 35.77 -6.05
N TRP B 83 -9.26 35.15 -5.61
CA TRP B 83 -8.15 35.75 -4.83
C TRP B 83 -7.83 37.15 -5.40
N SER B 84 -7.55 37.26 -6.71
CA SER B 84 -7.18 38.52 -7.42
C SER B 84 -8.38 39.48 -7.59
N ARG B 85 -9.63 39.05 -7.34
CA ARG B 85 -10.78 39.97 -7.28
C ARG B 85 -10.82 40.72 -5.94
N ILE B 86 -10.41 40.10 -4.83
CA ILE B 86 -10.42 40.79 -3.49
C ILE B 86 -9.01 41.31 -3.16
N LEU B 87 -7.94 40.73 -3.70
CA LEU B 87 -6.53 41.18 -3.48
C LEU B 87 -5.86 41.25 -4.85
N PRO B 88 -6.08 42.35 -5.61
CA PRO B 88 -5.58 42.46 -6.98
C PRO B 88 -4.10 42.06 -7.18
N ASN B 89 -3.21 42.29 -6.21
CA ASN B 89 -1.77 41.90 -6.30
C ASN B 89 -1.50 40.71 -5.37
N GLY B 90 -2.57 40.11 -4.82
CA GLY B 90 -2.54 38.87 -4.01
C GLY B 90 -2.14 39.05 -2.56
N LYS B 91 -1.78 40.28 -2.15
CA LYS B 91 -1.29 40.57 -0.78
C LYS B 91 -2.20 41.63 -0.14
N ILE B 92 -2.35 41.55 1.18
CA ILE B 92 -3.07 42.56 2.03
C ILE B 92 -2.39 43.92 1.85
N SER B 93 -1.04 43.95 1.74
CA SER B 93 -0.29 45.20 1.46
C SER B 93 -0.76 45.83 0.13
N GLY B 94 -1.21 45.05 -0.86
CA GLY B 94 -1.70 45.60 -2.14
C GLY B 94 -3.06 46.26 -2.03
N GLY B 95 -3.77 46.03 -0.93
CA GLY B 95 -5.09 46.62 -0.68
C GLY B 95 -6.22 45.63 -0.93
N ILE B 96 -7.34 45.86 -0.26
CA ILE B 96 -8.55 45.00 -0.27
C ILE B 96 -9.60 45.69 -1.14
N ASN B 97 -9.96 45.03 -2.25
CA ASN B 97 -10.93 45.55 -3.23
C ASN B 97 -12.33 45.46 -2.63
N LYS B 98 -12.88 46.60 -2.19
CA LYS B 98 -14.23 46.76 -1.60
C LYS B 98 -15.33 46.32 -2.57
N LEU B 99 -15.19 46.51 -3.88
CA LEU B 99 -16.15 45.98 -4.88
C LEU B 99 -16.07 44.44 -4.95
N GLY B 100 -14.89 43.85 -4.76
CA GLY B 100 -14.74 42.38 -4.72
C GLY B 100 -15.42 41.82 -3.48
N ILE B 101 -15.11 42.36 -2.31
CA ILE B 101 -15.76 41.97 -1.02
C ILE B 101 -17.28 42.14 -1.17
N LYS B 102 -17.72 43.27 -1.73
CA LYS B 102 -19.15 43.57 -1.97
C LYS B 102 -19.83 42.43 -2.74
N PHE B 103 -19.24 42.05 -3.86
CA PHE B 103 -19.80 41.01 -4.78
C PHE B 103 -20.02 39.69 -4.02
N TYR B 104 -19.02 39.15 -3.32
CA TYR B 104 -19.15 37.85 -2.60
C TYR B 104 -20.21 38.00 -1.48
N ASN B 105 -20.25 39.09 -0.72
CA ASN B 105 -21.32 39.32 0.30
C ASN B 105 -22.71 39.32 -0.38
N ASN B 106 -22.84 40.00 -1.52
CA ASN B 106 -24.12 40.08 -2.28
C ASN B 106 -24.50 38.66 -2.77
N LEU B 107 -23.53 37.91 -3.29
CA LEU B 107 -23.73 36.53 -3.79
C LEU B 107 -24.13 35.65 -2.61
N ILE B 108 -23.40 35.73 -1.48
CA ILE B 108 -23.62 34.94 -0.23
C ILE B 108 -25.01 35.27 0.35
N ASP B 109 -25.38 36.55 0.40
CA ASP B 109 -26.66 37.05 0.98
C ASP B 109 -27.82 36.54 0.12
N GLU B 110 -27.71 36.63 -1.20
CA GLU B 110 -28.79 36.24 -2.14
C GLU B 110 -29.02 34.72 -2.06
N LEU B 111 -27.95 33.92 -1.94
CA LEU B 111 -28.07 32.45 -1.73
C LEU B 111 -28.91 32.17 -0.48
N LEU B 112 -28.56 32.77 0.65
CA LEU B 112 -29.21 32.49 1.94
C LEU B 112 -30.63 33.04 1.90
N ALA B 113 -30.87 34.16 1.19
CA ALA B 113 -32.21 34.74 0.97
C ALA B 113 -33.07 33.72 0.24
N ASN B 114 -32.47 32.81 -0.53
CA ASN B 114 -33.22 31.84 -1.36
C ASN B 114 -33.21 30.44 -0.74
N GLY B 115 -32.80 30.36 0.55
CA GLY B 115 -32.63 29.12 1.33
C GLY B 115 -31.57 28.17 0.76
N ILE B 116 -30.48 28.67 0.19
CA ILE B 116 -29.38 27.85 -0.45
C ILE B 116 -28.08 28.05 0.33
N LYS B 117 -27.49 26.95 0.80
CA LYS B 117 -26.29 26.93 1.67
C LYS B 117 -25.03 27.00 0.82
N PRO B 118 -24.22 28.06 1.01
CA PRO B 118 -23.02 28.22 0.22
C PRO B 118 -21.97 27.20 0.65
N LEU B 119 -21.35 26.58 -0.36
CA LEU B 119 -20.08 25.84 -0.26
C LEU B 119 -19.03 26.63 -1.03
N VAL B 120 -18.05 27.19 -0.31
CA VAL B 120 -17.07 28.15 -0.90
C VAL B 120 -15.69 27.48 -0.98
N THR B 121 -15.15 27.39 -2.19
CA THR B 121 -13.77 26.97 -2.45
C THR B 121 -12.91 28.23 -2.32
N ILE B 122 -11.97 28.23 -1.39
CA ILE B 122 -11.08 29.43 -1.21
C ILE B 122 -10.24 29.62 -2.48
N TYR B 123 -9.66 28.54 -3.01
CA TYR B 123 -8.70 28.58 -4.15
C TYR B 123 -9.04 27.52 -5.18
N HIS B 124 -9.51 28.03 -6.33
CA HIS B 124 -9.87 27.16 -7.48
C HIS B 124 -9.05 27.57 -8.73
N TRP B 125 -7.71 27.59 -8.67
CA TRP B 125 -6.77 27.75 -9.84
C TRP B 125 -6.42 29.20 -10.26
N ASP B 126 -7.25 30.17 -9.86
CA ASP B 126 -7.05 31.58 -10.30
C ASP B 126 -6.06 32.30 -9.40
N LEU B 127 -4.84 31.79 -9.34
CA LEU B 127 -3.77 32.42 -8.52
C LEU B 127 -3.55 33.81 -9.06
N PRO B 128 -3.42 34.88 -8.22
CA PRO B 128 -2.98 36.19 -8.69
C PRO B 128 -1.61 36.12 -9.40
N GLN B 129 -1.55 36.65 -10.61
CA GLN B 129 -0.38 36.65 -11.49
C GLN B 129 0.79 37.35 -10.77
N ALA B 130 0.54 38.36 -9.96
CA ALA B 130 1.63 39.09 -9.28
C ALA B 130 2.38 38.12 -8.38
N LEU B 131 1.71 37.07 -7.88
CA LEU B 131 2.39 36.07 -6.99
C LEU B 131 3.22 35.08 -7.84
N GLN B 132 2.74 34.69 -9.01
CA GLN B 132 3.51 33.92 -10.05
C GLN B 132 4.75 34.74 -10.47
N ASP B 133 4.55 35.98 -10.94
CA ASP B 133 5.67 36.89 -11.38
C ASP B 133 6.71 37.07 -10.28
N GLU B 134 6.29 37.35 -9.05
CA GLU B 134 7.21 37.72 -7.95
C GLU B 134 8.08 36.54 -7.51
N TYR B 135 7.52 35.35 -7.32
CA TYR B 135 8.25 34.16 -6.79
C TYR B 135 7.77 32.84 -7.40
N GLY B 136 7.04 32.84 -8.52
CA GLY B 136 6.66 31.61 -9.22
C GLY B 136 5.59 30.86 -8.46
N GLY B 137 4.84 31.59 -7.65
CA GLY B 137 3.59 31.06 -7.09
C GLY B 137 3.84 29.85 -6.22
N PHE B 138 3.24 28.70 -6.55
CA PHE B 138 3.30 27.48 -5.70
C PHE B 138 4.69 26.82 -5.77
N LEU B 139 5.58 27.30 -6.64
CA LEU B 139 6.99 26.85 -6.66
C LEU B 139 7.73 27.24 -5.39
N SER B 140 7.29 28.27 -4.66
CA SER B 140 8.06 28.94 -3.58
C SER B 140 7.35 28.74 -2.27
N PRO B 141 8.06 28.45 -1.17
CA PRO B 141 7.44 28.42 0.16
C PRO B 141 6.76 29.74 0.56
N LYS B 142 7.11 30.87 -0.06
CA LYS B 142 6.46 32.20 0.23
C LYS B 142 4.94 32.19 -0.07
N ILE B 143 4.44 31.28 -0.91
CA ILE B 143 2.98 31.24 -1.22
C ILE B 143 2.21 31.00 0.08
N VAL B 144 2.80 30.32 1.06
CA VAL B 144 2.04 29.82 2.25
C VAL B 144 1.54 31.00 3.10
N ASP B 145 2.41 31.99 3.37
CA ASP B 145 2.08 33.21 4.16
C ASP B 145 1.01 34.00 3.41
N ASP B 146 1.15 34.16 2.09
CA ASP B 146 0.16 34.92 1.26
C ASP B 146 -1.18 34.19 1.29
N PHE B 147 -1.17 32.88 1.11
CA PHE B 147 -2.39 32.05 1.16
C PHE B 147 -3.09 32.22 2.51
N LEU B 148 -2.35 32.09 3.60
CA LEU B 148 -2.87 32.17 5.00
C LEU B 148 -3.58 33.52 5.23
N GLU B 149 -3.01 34.64 4.80
CA GLU B 149 -3.62 35.99 4.92
C GLU B 149 -4.90 36.10 4.07
N TYR B 150 -4.87 35.55 2.86
CA TYR B 150 -6.03 35.47 1.92
C TYR B 150 -7.16 34.68 2.60
N ALA B 151 -6.83 33.51 3.12
CA ALA B 151 -7.80 32.63 3.83
C ALA B 151 -8.36 33.42 5.02
N ASN B 152 -7.50 34.05 5.80
CA ASN B 152 -7.88 34.83 7.00
C ASN B 152 -8.92 35.87 6.63
N LEU B 153 -8.68 36.66 5.57
CA LEU B 153 -9.60 37.74 5.11
C LEU B 153 -10.97 37.15 4.78
N VAL B 154 -10.96 36.06 4.00
CA VAL B 154 -12.18 35.34 3.53
C VAL B 154 -12.94 34.84 4.75
N PHE B 155 -12.27 34.23 5.73
CA PHE B 155 -12.93 33.76 6.99
C PHE B 155 -13.57 34.95 7.72
N LYS B 156 -12.81 36.02 7.94
CA LYS B 156 -13.22 37.23 8.69
C LYS B 156 -14.41 37.92 7.98
N GLU B 157 -14.37 38.04 6.66
CA GLU B 157 -15.40 38.79 5.90
C GLU B 157 -16.66 37.94 5.68
N PHE B 158 -16.55 36.64 5.48
CA PHE B 158 -17.70 35.84 4.96
C PHE B 158 -18.19 34.78 5.94
N GLY B 159 -17.37 34.32 6.90
CA GLY B 159 -17.57 33.09 7.69
C GLY B 159 -18.70 33.21 8.70
N ASP B 160 -19.24 34.43 8.89
CA ASP B 160 -20.46 34.65 9.69
C ASP B 160 -21.65 33.99 8.99
N ARG B 161 -21.62 33.94 7.68
CA ARG B 161 -22.70 33.38 6.84
C ARG B 161 -22.23 32.10 6.15
N VAL B 162 -20.97 32.02 5.68
CA VAL B 162 -20.45 30.77 5.07
C VAL B 162 -20.06 29.80 6.20
N LYS B 163 -20.61 28.57 6.17
CA LYS B 163 -20.38 27.49 7.16
C LYS B 163 -19.85 26.22 6.49
N HIS B 164 -19.58 26.27 5.19
CA HIS B 164 -19.00 25.11 4.47
C HIS B 164 -17.92 25.62 3.53
N TRP B 165 -16.66 25.21 3.76
CA TRP B 165 -15.45 25.70 3.07
C TRP B 165 -14.68 24.53 2.44
N ALA B 166 -14.01 24.77 1.34
CA ALA B 166 -12.97 23.90 0.77
C ALA B 166 -11.72 24.77 0.59
N THR B 167 -10.58 24.38 1.14
CA THR B 167 -9.30 25.12 0.97
C THR B 167 -8.88 25.15 -0.49
N LEU B 168 -8.83 23.98 -1.12
CA LEU B 168 -8.32 23.84 -2.50
C LEU B 168 -9.31 23.02 -3.33
N ASN B 169 -9.29 23.28 -4.63
CA ASN B 169 -9.93 22.44 -5.66
C ASN B 169 -8.84 21.74 -6.48
N GLU B 170 -8.91 20.40 -6.54
CA GLU B 170 -8.14 19.52 -7.46
C GLU B 170 -6.71 20.04 -7.53
N PRO B 171 -5.94 19.98 -6.42
CA PRO B 171 -4.53 20.35 -6.46
C PRO B 171 -3.74 19.44 -7.40
N ASN B 172 -4.21 18.21 -7.56
CA ASN B 172 -3.55 17.17 -8.40
C ASN B 172 -3.65 17.59 -9.85
N ILE B 173 -4.86 17.88 -10.36
CA ILE B 173 -5.06 18.39 -11.74
C ILE B 173 -4.25 19.68 -11.89
N MET B 174 -4.37 20.60 -10.93
CA MET B 174 -3.72 21.94 -11.02
C MET B 174 -2.22 21.75 -11.27
N THR B 175 -1.57 20.88 -10.50
CA THR B 175 -0.12 20.63 -10.56
C THR B 175 0.23 19.86 -11.83
N GLN B 176 -0.49 18.77 -12.13
CA GLN B 176 -0.25 17.95 -13.33
C GLN B 176 -0.30 18.84 -14.58
N GLN B 177 -1.41 19.54 -14.79
CA GLN B 177 -1.61 20.31 -16.05
C GLN B 177 -0.75 21.57 -16.03
N GLY B 178 -0.54 22.19 -14.86
CA GLY B 178 0.21 23.45 -14.75
C GLY B 178 1.72 23.27 -14.81
N TYR B 179 2.24 22.12 -14.36
CA TYR B 179 3.67 21.93 -14.02
C TYR B 179 4.28 20.64 -14.58
N VAL B 180 3.47 19.72 -15.10
CA VAL B 180 3.96 18.50 -15.81
C VAL B 180 3.72 18.62 -17.31
N PHE B 181 2.50 18.98 -17.75
CA PHE B 181 2.13 18.97 -19.18
C PHE B 181 2.17 20.39 -19.73
N GLY B 182 2.07 21.39 -18.86
CA GLY B 182 2.11 22.82 -19.25
C GLY B 182 0.89 23.20 -20.05
N ALA B 183 -0.18 22.40 -19.93
CA ALA B 183 -1.47 22.54 -20.64
C ALA B 183 -2.43 23.48 -19.89
N HIS B 184 -2.18 23.73 -18.60
CA HIS B 184 -2.93 24.71 -17.77
C HIS B 184 -1.97 25.77 -17.26
N ALA B 185 -2.51 26.89 -16.76
CA ALA B 185 -1.74 27.97 -16.13
C ALA B 185 -0.92 27.35 -15.01
N PRO B 186 0.36 27.72 -14.79
CA PRO B 186 1.04 28.77 -15.56
C PRO B 186 1.85 28.28 -16.78
N GLY B 187 1.57 27.07 -17.27
CA GLY B 187 2.07 26.60 -18.57
C GLY B 187 3.51 26.12 -18.53
N ARG B 188 3.91 25.43 -17.47
CA ARG B 188 5.30 24.92 -17.28
C ARG B 188 5.36 23.39 -17.45
N CYS B 189 6.49 22.96 -18.03
CA CYS B 189 6.87 21.55 -18.35
C CYS B 189 8.34 21.52 -18.80
N SER B 190 8.89 20.33 -18.97
CA SER B 190 10.29 20.07 -19.39
C SER B 190 10.56 20.50 -20.86
N CYS B 196 7.52 23.81 -23.49
CA CYS B 196 7.07 24.99 -22.67
C CYS B 196 8.21 25.99 -22.49
N PRO B 197 7.92 27.25 -22.09
CA PRO B 197 8.94 28.27 -21.82
C PRO B 197 10.01 27.93 -20.79
N ALA B 198 9.59 27.41 -19.62
CA ALA B 198 10.47 26.98 -18.51
C ALA B 198 9.82 25.82 -17.77
N GLY B 199 10.58 25.13 -16.92
CA GLY B 199 10.03 24.21 -15.93
C GLY B 199 10.71 22.85 -15.97
N ASN B 200 10.21 21.93 -15.16
CA ASN B 200 10.81 20.59 -14.99
C ASN B 200 9.73 19.62 -14.52
N SER B 201 9.27 18.76 -15.43
CA SER B 201 8.14 17.80 -15.22
C SER B 201 8.45 16.77 -14.14
N GLY B 202 9.73 16.60 -13.77
CA GLY B 202 10.14 15.59 -12.79
C GLY B 202 10.31 16.14 -11.39
N THR B 203 10.48 17.46 -11.23
CA THR B 203 10.81 18.09 -9.90
C THR B 203 9.70 19.04 -9.41
N GLU B 204 9.28 19.98 -10.25
CA GLU B 204 8.36 21.10 -9.88
C GLU B 204 7.02 20.56 -9.38
N PRO B 205 6.39 19.51 -9.99
CA PRO B 205 5.12 19.00 -9.49
C PRO B 205 5.18 18.68 -8.00
N TYR B 206 6.25 18.01 -7.55
CA TYR B 206 6.39 17.54 -6.15
C TYR B 206 6.69 18.73 -5.23
N ILE B 207 7.42 19.75 -5.68
CA ILE B 207 7.54 21.04 -4.93
C ILE B 207 6.15 21.72 -4.86
N VAL B 208 5.45 21.90 -5.97
CA VAL B 208 4.14 22.60 -6.04
C VAL B 208 3.15 21.86 -5.14
N GLY B 209 3.14 20.52 -5.23
CA GLY B 209 2.28 19.65 -4.42
C GLY B 209 2.45 19.91 -2.93
N HIS B 210 3.70 19.95 -2.49
CA HIS B 210 4.09 20.20 -1.10
C HIS B 210 3.55 21.55 -0.64
N HIS B 211 3.76 22.58 -1.45
CA HIS B 211 3.42 23.95 -1.02
C HIS B 211 1.89 24.05 -0.93
N LEU B 212 1.19 23.42 -1.87
CA LEU B 212 -0.30 23.33 -1.85
C LEU B 212 -0.75 22.69 -0.52
N LEU B 213 -0.13 21.60 -0.08
CA LEU B 213 -0.53 20.91 1.18
C LEU B 213 -0.20 21.80 2.39
N LEU B 214 0.88 22.57 2.36
CA LEU B 214 1.19 23.51 3.48
C LEU B 214 0.21 24.67 3.52
N CYS B 215 -0.25 25.15 2.35
CA CYS B 215 -1.33 26.15 2.22
C CYS B 215 -2.59 25.57 2.87
N HIS B 216 -3.01 24.38 2.45
CA HIS B 216 -4.21 23.71 3.01
C HIS B 216 -4.11 23.63 4.55
N ALA B 217 -3.00 23.09 5.06
CA ALA B 217 -2.77 22.83 6.49
C ALA B 217 -2.83 24.16 7.25
N ALA B 218 -2.18 25.19 6.70
CA ALA B 218 -2.17 26.57 7.25
C ALA B 218 -3.61 27.04 7.40
N ALA B 219 -4.41 26.98 6.33
CA ALA B 219 -5.79 27.54 6.31
C ALA B 219 -6.65 26.73 7.28
N PHE B 220 -6.48 25.42 7.31
CA PHE B 220 -7.25 24.52 8.21
C PHE B 220 -6.90 24.84 9.67
N GLN B 221 -5.62 24.89 10.01
CA GLN B 221 -5.19 25.23 11.39
C GLN B 221 -5.71 26.62 11.74
N LEU B 222 -5.67 27.59 10.83
CA LEU B 222 -6.14 28.97 11.13
C LEU B 222 -7.66 28.95 11.42
N TYR B 223 -8.45 28.27 10.58
CA TYR B 223 -9.91 28.15 10.77
C TYR B 223 -10.21 27.52 12.12
N LYS B 224 -9.62 26.36 12.41
CA LYS B 224 -9.85 25.59 13.68
C LYS B 224 -9.47 26.45 14.89
N GLN B 225 -8.31 27.10 14.86
CA GLN B 225 -7.77 27.86 16.02
C GLN B 225 -8.49 29.19 16.24
N LYS B 226 -8.94 29.87 15.18
CA LYS B 226 -9.34 31.31 15.25
C LYS B 226 -10.85 31.48 15.05
N TYR B 227 -11.51 30.68 14.22
CA TYR B 227 -12.85 31.03 13.69
C TYR B 227 -13.88 29.97 14.04
N LYS B 228 -13.45 28.71 14.25
CA LYS B 228 -14.41 27.58 14.21
C LYS B 228 -15.27 27.68 15.47
N ASP B 229 -14.71 28.08 16.61
CA ASP B 229 -15.49 28.17 17.89
C ASP B 229 -16.65 29.17 17.74
N ASP B 230 -16.43 30.31 17.09
CA ASP B 230 -17.42 31.40 16.89
C ASP B 230 -18.32 31.07 15.70
N GLN B 231 -17.76 30.71 14.55
CA GLN B 231 -18.50 30.65 13.26
C GLN B 231 -19.18 29.29 13.12
N LYS B 232 -18.58 28.23 13.66
CA LYS B 232 -19.21 26.89 13.77
C LYS B 232 -19.52 26.37 12.37
N GLY B 233 -18.55 26.46 11.47
CA GLY B 233 -18.67 25.90 10.12
C GLY B 233 -17.71 24.73 9.98
N ILE B 234 -17.69 24.12 8.79
CA ILE B 234 -16.78 22.99 8.47
C ILE B 234 -15.91 23.39 7.29
N ILE B 235 -14.73 22.81 7.25
CA ILE B 235 -13.71 23.15 6.24
C ILE B 235 -13.07 21.84 5.82
N GLY B 236 -13.03 21.62 4.50
CA GLY B 236 -12.28 20.48 3.93
C GLY B 236 -11.42 20.86 2.73
N ILE B 237 -11.27 19.88 1.86
CA ILE B 237 -10.36 19.91 0.69
C ILE B 237 -10.97 19.01 -0.39
N THR B 238 -11.09 19.51 -1.61
CA THR B 238 -11.53 18.75 -2.81
C THR B 238 -10.30 18.33 -3.63
N THR B 239 -10.29 17.08 -4.11
CA THR B 239 -9.26 16.56 -5.00
C THR B 239 -9.96 15.84 -6.14
N ALA B 240 -9.23 15.71 -7.25
CA ALA B 240 -9.70 15.02 -8.46
C ALA B 240 -9.55 13.54 -8.16
N THR B 241 -10.59 12.74 -8.46
CA THR B 241 -10.65 11.30 -8.15
C THR B 241 -11.17 10.50 -9.35
N GLN B 242 -10.53 10.65 -10.51
CA GLN B 242 -10.55 9.63 -11.59
C GLN B 242 -10.06 8.30 -10.98
N MET B 243 -10.87 7.26 -11.08
CA MET B 243 -10.59 5.96 -10.44
C MET B 243 -9.76 5.16 -11.44
N ALA B 244 -9.06 4.18 -10.89
CA ALA B 244 -8.31 3.17 -11.63
C ALA B 244 -8.76 1.80 -11.12
N ILE B 245 -9.11 0.91 -12.02
CA ILE B 245 -9.24 -0.54 -11.73
C ILE B 245 -8.11 -1.28 -12.44
N PRO B 246 -7.72 -2.48 -12.00
CA PRO B 246 -6.74 -3.25 -12.74
C PRO B 246 -7.27 -3.66 -14.13
N LEU B 247 -6.42 -3.69 -15.17
CA LEU B 247 -6.73 -4.10 -16.57
C LEU B 247 -7.19 -5.57 -16.57
N ASN B 248 -6.61 -6.39 -15.69
CA ASN B 248 -6.91 -7.83 -15.52
C ASN B 248 -6.47 -8.25 -14.12
N ASP B 249 -6.53 -9.54 -13.81
CA ASP B 249 -6.39 -10.10 -12.43
C ASP B 249 -4.93 -10.29 -12.07
N ASN B 250 -4.02 -10.15 -13.04
CA ASN B 250 -2.57 -10.35 -12.84
C ASN B 250 -2.12 -9.47 -11.66
N VAL B 251 -1.31 -10.01 -10.78
CA VAL B 251 -0.80 -9.31 -9.57
C VAL B 251 -0.14 -7.99 -9.99
N ALA B 252 0.71 -7.99 -11.02
CA ALA B 252 1.44 -6.78 -11.46
C ALA B 252 0.44 -5.63 -11.64
N ASN B 253 -0.77 -5.94 -12.14
CA ASN B 253 -1.75 -4.91 -12.62
C ASN B 253 -2.63 -4.46 -11.45
N LEU B 254 -2.94 -5.35 -10.48
CA LEU B 254 -3.53 -4.89 -9.19
C LEU B 254 -2.58 -3.87 -8.53
N LEU B 255 -1.28 -4.15 -8.49
CA LEU B 255 -0.29 -3.23 -7.85
C LEU B 255 -0.19 -1.94 -8.68
N ALA B 256 -0.35 -2.03 -9.99
CA ALA B 256 -0.26 -0.89 -10.93
C ALA B 256 -1.37 0.09 -10.59
N ALA B 257 -2.60 -0.43 -10.50
CA ALA B 257 -3.81 0.32 -10.10
C ALA B 257 -3.54 1.00 -8.75
N SER B 258 -3.01 0.26 -7.78
CA SER B 258 -2.69 0.78 -6.43
C SER B 258 -1.78 2.00 -6.58
N ARG B 259 -0.64 1.87 -7.28
CA ARG B 259 0.35 2.97 -7.48
C ARG B 259 -0.32 4.15 -8.23
N ALA B 260 -1.23 3.88 -9.17
CA ALA B 260 -1.88 4.91 -10.02
C ALA B 260 -2.75 5.78 -9.10
N ILE B 261 -3.52 5.13 -8.25
CA ILE B 261 -4.40 5.77 -7.23
C ILE B 261 -3.56 6.54 -6.22
N ASP B 262 -2.49 5.91 -5.71
CA ASP B 262 -1.54 6.54 -4.77
C ASP B 262 -0.96 7.84 -5.35
N PHE B 263 -0.42 7.83 -6.58
CA PHE B 263 0.28 8.98 -7.23
C PHE B 263 -0.71 10.06 -7.70
N ASN B 264 -1.98 9.74 -7.89
CA ASN B 264 -3.06 10.72 -8.21
C ASN B 264 -3.92 11.13 -6.99
N ILE B 265 -4.64 10.20 -6.34
CA ILE B 265 -5.60 10.48 -5.23
C ILE B 265 -4.85 10.59 -3.87
N GLY B 266 -4.01 9.59 -3.58
CA GLY B 266 -3.19 9.46 -2.36
C GLY B 266 -2.21 10.62 -2.23
N TRP B 267 -1.78 11.19 -3.35
CA TRP B 267 -0.78 12.27 -3.33
C TRP B 267 -1.20 13.37 -2.33
N PHE B 268 -2.48 13.76 -2.29
CA PHE B 268 -3.02 14.81 -1.37
C PHE B 268 -3.87 14.20 -0.24
N LEU B 269 -4.42 13.00 -0.42
CA LEU B 269 -5.27 12.42 0.65
C LEU B 269 -4.41 11.73 1.74
N HIS B 270 -3.29 11.08 1.42
CA HIS B 270 -2.41 10.44 2.46
C HIS B 270 -1.96 11.52 3.44
N PRO B 271 -1.42 12.67 3.00
CA PRO B 271 -0.99 13.73 3.95
C PRO B 271 -2.10 14.26 4.87
N VAL B 272 -3.30 14.46 4.33
CA VAL B 272 -4.46 15.11 5.03
C VAL B 272 -5.10 14.13 6.02
N VAL B 273 -5.06 12.84 5.72
CA VAL B 273 -5.57 11.76 6.59
C VAL B 273 -4.48 11.24 7.52
N TYR B 274 -3.25 10.97 7.05
CA TYR B 274 -2.19 10.28 7.87
C TYR B 274 -0.99 11.16 8.17
N GLY B 275 -0.92 12.36 7.60
CA GLY B 275 0.23 13.26 7.83
C GLY B 275 1.49 12.87 7.06
N GLU B 276 1.41 12.02 6.03
CA GLU B 276 2.59 11.63 5.19
C GLU B 276 2.10 11.31 3.76
N TYR B 277 3.01 11.35 2.79
CA TYR B 277 2.73 10.99 1.37
C TYR B 277 2.48 9.48 1.31
N PRO B 278 1.84 8.95 0.25
CA PRO B 278 1.78 7.51 0.03
C PRO B 278 3.19 6.92 -0.02
N GLN B 279 3.42 5.77 0.61
CA GLN B 279 4.77 5.12 0.69
C GLN B 279 5.35 4.91 -0.70
N THR B 280 4.56 4.46 -1.66
CA THR B 280 5.02 4.17 -3.05
C THR B 280 5.60 5.45 -3.67
N MET B 281 5.07 6.62 -3.33
CA MET B 281 5.68 7.88 -3.83
C MET B 281 7.05 8.07 -3.16
N ARG B 282 7.12 7.88 -1.84
CA ARG B 282 8.38 7.99 -1.07
C ARG B 282 9.40 7.02 -1.66
N GLU B 283 8.98 5.76 -1.86
CA GLU B 283 9.84 4.66 -2.39
C GLU B 283 10.43 5.05 -3.73
N ARG B 284 9.59 5.55 -4.67
CA ARG B 284 10.04 5.78 -6.09
C ARG B 284 10.79 7.11 -6.22
N LEU B 285 10.48 8.12 -5.42
CA LEU B 285 10.92 9.51 -5.74
C LEU B 285 12.14 9.91 -4.92
N GLY B 286 12.39 9.31 -3.75
CA GLY B 286 13.53 9.68 -2.89
C GLY B 286 13.56 11.19 -2.68
N SER B 287 14.66 11.85 -2.99
CA SER B 287 14.87 13.28 -2.67
C SER B 287 13.98 14.20 -3.54
N ARG B 288 13.42 13.71 -4.65
CA ARG B 288 12.50 14.56 -5.48
C ARG B 288 11.22 14.90 -4.70
N LEU B 289 10.84 14.08 -3.70
CA LEU B 289 9.61 14.22 -2.89
C LEU B 289 10.00 14.88 -1.60
N PRO B 290 9.57 16.14 -1.35
CA PRO B 290 9.96 16.85 -0.13
C PRO B 290 9.44 16.14 1.13
N LYS B 291 10.11 16.36 2.24
CA LYS B 291 9.75 15.71 3.54
C LYS B 291 9.06 16.76 4.41
N PHE B 292 7.92 16.42 4.98
CA PHE B 292 7.22 17.27 5.98
C PHE B 292 8.07 17.25 7.26
N THR B 293 8.18 18.40 7.92
CA THR B 293 8.69 18.49 9.30
C THR B 293 7.68 17.82 10.22
N GLU B 294 8.09 17.50 11.43
CA GLU B 294 7.25 16.77 12.39
C GLU B 294 6.04 17.64 12.70
N LYS B 295 6.24 18.96 12.80
CA LYS B 295 5.15 19.93 13.08
C LYS B 295 4.16 19.93 11.91
N GLU B 296 4.69 19.91 10.68
CA GLU B 296 3.87 20.03 9.44
C GLU B 296 3.03 18.76 9.35
N SER B 297 3.63 17.63 9.74
CA SER B 297 2.98 16.31 9.74
C SER B 297 1.82 16.32 10.75
N GLU B 298 2.05 16.89 11.93
CA GLU B 298 0.98 17.06 12.96
C GLU B 298 -0.09 17.99 12.43
N MET B 299 0.25 19.12 11.78
CA MET B 299 -0.76 20.09 11.27
C MET B 299 -1.62 19.41 10.18
N LEU B 300 -1.05 18.50 9.44
CA LEU B 300 -1.68 17.91 8.24
C LEU B 300 -2.60 16.75 8.62
N LYS B 301 -2.24 15.97 9.65
CA LYS B 301 -2.97 14.73 9.99
C LYS B 301 -4.39 15.08 10.48
N GLN B 302 -5.41 14.56 9.79
CA GLN B 302 -6.88 14.83 10.01
C GLN B 302 -7.17 16.33 9.89
N SER B 303 -6.50 17.04 8.98
CA SER B 303 -6.75 18.48 8.66
C SER B 303 -7.97 18.61 7.75
N PHE B 304 -9.10 18.01 8.09
CA PHE B 304 -10.34 18.14 7.30
C PHE B 304 -11.56 17.85 8.19
N ASP B 305 -12.67 18.48 7.84
CA ASP B 305 -14.01 18.13 8.38
C ASP B 305 -14.71 17.24 7.35
N PHE B 306 -14.34 17.38 6.06
CA PHE B 306 -14.79 16.51 4.94
C PHE B 306 -13.73 16.48 3.83
N ILE B 307 -13.77 15.43 3.02
CA ILE B 307 -12.96 15.34 1.78
C ILE B 307 -13.96 15.38 0.62
N GLY B 308 -13.79 16.36 -0.26
CA GLY B 308 -14.52 16.43 -1.53
C GLY B 308 -13.87 15.57 -2.59
N LEU B 309 -14.65 14.67 -3.18
CA LEU B 309 -14.22 13.79 -4.28
C LEU B 309 -14.87 14.29 -5.59
N ASN B 310 -14.01 14.60 -6.57
CA ASN B 310 -14.45 15.02 -7.92
C ASN B 310 -14.33 13.79 -8.82
N TYR B 311 -15.42 13.04 -8.94
CA TYR B 311 -15.42 11.81 -9.77
C TYR B 311 -16.17 12.03 -11.09
N TYR B 312 -15.57 11.59 -12.18
CA TYR B 312 -16.20 11.70 -13.52
C TYR B 312 -16.13 10.37 -14.27
N SER B 313 -15.10 9.55 -14.00
CA SER B 313 -14.81 8.36 -14.82
C SER B 313 -13.69 7.52 -14.17
N THR B 314 -13.45 6.38 -14.79
CA THR B 314 -12.50 5.33 -14.39
C THR B 314 -11.65 4.95 -15.61
N ASP B 315 -10.38 4.64 -15.35
CA ASP B 315 -9.46 4.03 -16.35
C ASP B 315 -8.93 2.67 -15.85
N TYR B 316 -8.49 1.86 -16.80
CA TYR B 316 -7.76 0.59 -16.54
C TYR B 316 -6.32 1.00 -16.24
N ALA B 317 -5.66 0.37 -15.28
CA ALA B 317 -4.22 0.55 -15.00
C ALA B 317 -3.44 -0.71 -15.39
N ALA B 318 -2.28 -0.59 -16.04
CA ALA B 318 -1.42 -1.74 -16.30
C ALA B 318 0.02 -1.38 -15.91
N ALA B 319 0.74 -2.33 -15.34
CA ALA B 319 2.18 -2.24 -14.95
C ALA B 319 3.01 -1.77 -16.14
N SER B 320 3.94 -0.86 -15.88
CA SER B 320 4.86 -0.19 -16.84
C SER B 320 6.24 -0.90 -16.87
N VAL B 329 13.25 11.82 -16.67
CA VAL B 329 12.36 11.57 -15.49
C VAL B 329 11.22 12.58 -15.47
N SER B 330 10.00 12.07 -15.25
CA SER B 330 8.71 12.81 -15.28
C SER B 330 7.73 12.18 -14.30
N TYR B 331 6.87 13.02 -13.73
CA TYR B 331 5.67 12.57 -12.97
C TYR B 331 5.01 11.45 -13.78
N THR B 332 5.05 11.52 -15.13
CA THR B 332 4.24 10.64 -16.02
C THR B 332 4.69 9.18 -15.93
N THR B 333 5.96 8.93 -15.63
CA THR B 333 6.55 7.58 -15.60
C THR B 333 6.82 7.17 -14.16
N ASP B 334 6.69 8.07 -13.19
CA ASP B 334 7.09 7.78 -11.78
C ASP B 334 6.17 6.70 -11.20
N SER B 335 4.93 6.56 -11.66
CA SER B 335 3.98 5.56 -11.07
C SER B 335 4.30 4.13 -11.52
N ARG B 336 5.04 3.96 -12.62
CA ARG B 336 5.28 2.66 -13.30
C ARG B 336 3.89 2.02 -13.54
N ALA B 337 2.93 2.83 -14.00
CA ALA B 337 1.57 2.37 -14.38
C ALA B 337 1.14 3.16 -15.60
N THR B 338 0.52 2.47 -16.53
CA THR B 338 -0.08 3.00 -17.78
C THR B 338 -1.59 3.03 -17.56
N LEU B 339 -2.24 4.10 -18.00
CA LEU B 339 -3.71 4.22 -17.90
C LEU B 339 -4.29 4.23 -19.32
N SER B 340 -5.40 3.52 -19.53
CA SER B 340 -6.23 3.55 -20.76
C SER B 340 -7.69 3.29 -20.39
N ALA B 341 -8.63 3.93 -21.08
CA ALA B 341 -10.07 3.66 -20.93
C ALA B 341 -10.48 2.41 -21.75
N ILE B 342 -9.66 1.95 -22.71
CA ILE B 342 -10.07 0.92 -23.71
C ILE B 342 -9.39 -0.42 -23.39
N LYS B 343 -10.14 -1.51 -23.45
CA LYS B 343 -9.62 -2.89 -23.25
C LYS B 343 -9.96 -3.69 -24.51
N ASP B 344 -8.97 -4.14 -25.26
CA ASP B 344 -9.19 -4.92 -26.51
C ASP B 344 -10.31 -4.23 -27.31
N GLY B 345 -10.23 -2.90 -27.45
CA GLY B 345 -11.07 -2.08 -28.35
C GLY B 345 -12.29 -1.51 -27.66
N VAL B 346 -12.64 -2.01 -26.48
CA VAL B 346 -13.93 -1.70 -25.80
C VAL B 346 -13.65 -0.68 -24.71
N PRO B 347 -14.11 0.60 -24.82
CA PRO B 347 -14.01 1.57 -23.73
C PRO B 347 -14.75 1.07 -22.48
N ILE B 348 -14.24 1.44 -21.30
CA ILE B 348 -14.72 0.96 -19.97
C ILE B 348 -16.22 1.24 -19.86
N GLY B 349 -16.68 2.33 -20.48
CA GLY B 349 -18.10 2.68 -20.58
C GLY B 349 -18.33 3.59 -21.77
N ASP B 350 -19.56 4.04 -21.97
CA ASP B 350 -19.90 4.84 -23.17
C ASP B 350 -19.00 6.06 -23.24
N PRO B 351 -18.37 6.33 -24.39
CA PRO B 351 -17.56 7.53 -24.53
C PRO B 351 -18.45 8.77 -24.68
N THR B 352 -17.83 9.91 -24.39
CA THR B 352 -18.47 11.23 -24.46
C THR B 352 -17.52 12.17 -25.21
N PHE B 353 -17.97 13.42 -25.41
CA PHE B 353 -17.18 14.49 -26.08
C PHE B 353 -15.80 14.57 -25.43
N MET B 354 -15.73 14.43 -24.11
CA MET B 354 -14.44 14.51 -23.37
C MET B 354 -13.78 13.13 -23.41
N SER B 355 -12.52 13.04 -23.84
CA SER B 355 -11.81 11.77 -24.14
C SER B 355 -11.48 11.02 -22.86
N TRP B 356 -11.41 11.72 -21.74
CA TRP B 356 -11.11 11.09 -20.43
C TRP B 356 -12.40 10.77 -19.67
N LEU B 357 -13.58 11.12 -20.20
CA LEU B 357 -14.86 10.95 -19.47
C LEU B 357 -15.71 9.85 -20.11
N HIS B 358 -15.51 8.61 -19.65
CA HIS B 358 -16.38 7.47 -20.05
C HIS B 358 -17.48 7.30 -18.99
N ILE B 359 -18.68 6.84 -19.39
CA ILE B 359 -19.85 6.66 -18.49
C ILE B 359 -19.70 5.31 -17.78
N TYR B 360 -19.15 5.33 -16.57
CA TYR B 360 -18.85 4.15 -15.72
C TYR B 360 -19.37 4.44 -14.31
N PRO B 361 -20.71 4.50 -14.10
CA PRO B 361 -21.28 4.87 -12.81
C PRO B 361 -20.84 3.95 -11.66
N GLU B 362 -20.60 2.66 -11.93
CA GLU B 362 -20.12 1.67 -10.92
C GLU B 362 -18.85 2.21 -10.25
N GLY B 363 -18.07 2.98 -11.01
CA GLY B 363 -16.75 3.51 -10.59
C GLY B 363 -16.85 4.41 -9.39
N ILE B 364 -17.94 5.16 -9.24
CA ILE B 364 -18.11 6.03 -8.04
C ILE B 364 -18.26 5.15 -6.79
N LEU B 365 -18.90 3.99 -6.89
CA LEU B 365 -18.98 3.05 -5.73
C LEU B 365 -17.59 2.44 -5.44
N THR B 366 -16.84 2.05 -6.47
CA THR B 366 -15.44 1.54 -6.34
C THR B 366 -14.54 2.58 -5.67
N LEU B 367 -14.70 3.84 -6.02
CA LEU B 367 -13.99 4.98 -5.37
C LEU B 367 -14.44 5.13 -3.91
N LEU B 368 -15.73 5.20 -3.65
CA LEU B 368 -16.24 5.45 -2.26
C LEU B 368 -15.83 4.28 -1.37
N ARG B 369 -15.93 3.06 -1.89
CA ARG B 369 -15.47 1.86 -1.14
C ARG B 369 -14.00 2.05 -0.84
N TYR B 370 -13.21 2.48 -1.85
CA TYR B 370 -11.74 2.61 -1.75
C TYR B 370 -11.41 3.58 -0.61
N VAL B 371 -12.03 4.76 -0.64
CA VAL B 371 -11.73 5.86 0.32
C VAL B 371 -12.11 5.37 1.73
N LYS B 372 -13.18 4.60 1.85
CA LYS B 372 -13.68 4.08 3.16
C LYS B 372 -12.64 3.13 3.72
N GLU B 373 -12.14 2.21 2.89
CA GLU B 373 -11.28 1.10 3.36
C GLU B 373 -9.87 1.64 3.60
N ARG B 374 -9.40 2.55 2.74
CA ARG B 374 -7.99 3.00 2.75
C ARG B 374 -7.81 4.02 3.88
N TYR B 375 -8.82 4.86 4.11
CA TYR B 375 -8.66 6.11 4.89
C TYR B 375 -9.63 6.13 6.08
N ASN B 376 -10.16 4.98 6.50
CA ASN B 376 -10.94 4.83 7.76
C ASN B 376 -12.22 5.67 7.69
N ASN B 377 -12.96 5.51 6.60
CA ASN B 377 -14.34 6.03 6.40
C ASN B 377 -14.43 7.49 6.79
N PRO B 378 -13.62 8.38 6.16
CA PRO B 378 -13.73 9.81 6.43
C PRO B 378 -15.07 10.35 5.92
N PHE B 379 -15.50 11.46 6.49
CA PHE B 379 -16.70 12.19 6.04
C PHE B 379 -16.37 12.75 4.65
N VAL B 380 -17.12 12.33 3.63
CA VAL B 380 -16.86 12.78 2.24
C VAL B 380 -18.13 13.32 1.60
N MET B 381 -17.93 14.16 0.58
CA MET B 381 -18.99 14.66 -0.32
C MET B 381 -18.49 14.51 -1.75
N ILE B 382 -19.38 14.15 -2.66
CA ILE B 382 -19.07 14.24 -4.10
C ILE B 382 -19.14 15.71 -4.47
N THR B 383 -18.01 16.41 -4.61
CA THR B 383 -18.01 17.88 -4.85
C THR B 383 -18.15 18.21 -6.34
N GLU B 384 -17.95 17.26 -7.25
CA GLU B 384 -18.17 17.42 -8.71
C GLU B 384 -18.46 16.04 -9.29
N ASN B 385 -19.54 15.93 -10.06
CA ASN B 385 -19.93 14.72 -10.84
C ASN B 385 -20.83 15.20 -11.99
N GLY B 386 -20.46 14.87 -13.21
CA GLY B 386 -21.22 15.35 -14.39
C GLY B 386 -20.56 14.96 -15.70
N MET B 387 -21.14 15.42 -16.80
CA MET B 387 -20.60 15.07 -18.14
C MET B 387 -20.83 16.22 -19.12
N ALA B 388 -20.13 16.17 -20.25
CA ALA B 388 -20.17 17.29 -21.22
C ALA B 388 -20.67 16.88 -22.59
N ASP B 389 -21.60 17.65 -23.15
CA ASP B 389 -22.09 17.54 -24.53
C ASP B 389 -21.25 18.49 -25.38
N GLU B 390 -21.15 18.22 -26.66
CA GLU B 390 -20.31 19.03 -27.58
C GLU B 390 -21.00 20.37 -27.80
N ASN B 391 -20.24 21.46 -27.73
CA ASN B 391 -20.78 22.78 -28.12
C ASN B 391 -20.90 22.79 -29.64
N LYS B 392 -22.12 22.79 -30.18
CA LYS B 392 -22.39 22.78 -31.63
C LYS B 392 -22.97 24.12 -32.07
N GLY B 393 -22.65 25.19 -31.34
CA GLY B 393 -23.11 26.57 -31.61
C GLY B 393 -24.35 26.90 -30.81
N SER B 394 -25.18 27.80 -31.34
CA SER B 394 -26.31 28.42 -30.63
C SER B 394 -27.44 27.40 -30.47
N LEU B 395 -28.48 27.80 -29.73
CA LEU B 395 -29.65 26.94 -29.49
C LEU B 395 -30.33 26.66 -30.81
N ALA B 396 -30.50 27.70 -31.64
CA ALA B 396 -31.11 27.58 -32.97
C ALA B 396 -30.25 26.63 -33.83
N GLU B 397 -28.91 26.67 -33.74
CA GLU B 397 -28.03 25.72 -34.50
C GLU B 397 -28.12 24.32 -33.88
N ASP B 398 -28.32 24.20 -32.55
CA ASP B 398 -28.29 22.88 -31.87
C ASP B 398 -29.49 22.76 -30.91
N PRO B 399 -30.73 22.69 -31.42
CA PRO B 399 -31.91 22.55 -30.57
C PRO B 399 -31.78 21.34 -29.63
N MET B 400 -31.33 20.19 -30.16
CA MET B 400 -31.27 18.92 -29.39
C MET B 400 -30.28 19.04 -28.22
N ALA B 401 -29.53 20.14 -28.12
CA ALA B 401 -28.67 20.46 -26.94
C ALA B 401 -29.50 20.32 -25.66
N LEU B 402 -30.79 20.70 -25.71
CA LEU B 402 -31.70 20.73 -24.54
C LEU B 402 -32.10 19.31 -24.16
N LYS B 403 -32.10 18.37 -25.11
CA LYS B 403 -32.65 17.01 -24.88
C LYS B 403 -31.50 16.12 -24.39
N ASP B 404 -30.99 16.41 -23.19
CA ASP B 404 -29.69 15.88 -22.70
C ASP B 404 -29.95 14.57 -21.96
N ASN B 405 -30.45 13.54 -22.68
CA ASN B 405 -30.88 12.23 -22.10
C ASN B 405 -29.66 11.47 -21.58
N VAL B 406 -28.51 11.74 -22.15
CA VAL B 406 -27.26 11.07 -21.70
C VAL B 406 -26.88 11.64 -20.33
N ARG B 407 -26.85 12.96 -20.19
CA ARG B 407 -26.55 13.63 -18.90
C ARG B 407 -27.50 13.06 -17.83
N ILE B 408 -28.78 12.93 -18.16
CA ILE B 408 -29.80 12.35 -17.23
C ILE B 408 -29.39 10.93 -16.80
N ARG B 409 -29.12 10.02 -17.74
CA ARG B 409 -28.68 8.65 -17.41
C ARG B 409 -27.39 8.74 -16.58
N TYR B 410 -26.49 9.65 -16.94
CA TYR B 410 -25.22 9.84 -16.19
C TYR B 410 -25.54 10.14 -14.72
N HIS B 411 -26.38 11.13 -14.42
CA HIS B 411 -26.61 11.55 -13.02
C HIS B 411 -27.41 10.48 -12.27
N ARG B 412 -28.48 9.97 -12.90
CA ARG B 412 -29.34 8.90 -12.33
C ARG B 412 -28.46 7.72 -11.87
N GLU B 413 -27.66 7.16 -12.77
CA GLU B 413 -26.90 5.91 -12.51
C GLU B 413 -25.87 6.22 -11.42
N HIS B 414 -25.25 7.40 -11.47
CA HIS B 414 -24.24 7.84 -10.49
C HIS B 414 -24.88 7.98 -9.12
N LEU B 415 -26.04 8.62 -9.05
CA LEU B 415 -26.77 8.78 -7.77
C LEU B 415 -27.17 7.39 -7.26
N TYR B 416 -27.53 6.45 -8.12
CA TYR B 416 -27.87 5.09 -7.69
C TYR B 416 -26.71 4.50 -6.86
N TYR B 417 -25.48 4.68 -7.33
CA TYR B 417 -24.29 4.05 -6.73
C TYR B 417 -23.88 4.80 -5.47
N VAL B 418 -24.06 6.11 -5.48
CA VAL B 418 -23.87 6.93 -4.24
C VAL B 418 -24.82 6.43 -3.15
N LEU B 419 -26.07 6.08 -3.53
CA LEU B 419 -27.08 5.56 -2.57
C LEU B 419 -26.65 4.20 -2.01
N GLU B 420 -26.07 3.33 -2.85
CA GLU B 420 -25.53 2.00 -2.45
C GLU B 420 -24.39 2.20 -1.43
N ALA B 421 -23.51 3.16 -1.70
CA ALA B 421 -22.42 3.52 -0.76
C ALA B 421 -23.03 3.82 0.60
N ILE B 422 -24.06 4.68 0.65
CA ILE B 422 -24.69 5.10 1.94
C ILE B 422 -25.29 3.85 2.61
N LYS B 423 -26.00 3.02 1.86
CA LYS B 423 -26.58 1.78 2.43
C LYS B 423 -25.47 0.92 3.04
N GLU B 424 -24.29 0.87 2.40
CA GLU B 424 -23.13 0.06 2.82
C GLU B 424 -22.34 0.70 3.97
N GLY B 425 -22.76 1.86 4.47
CA GLY B 425 -22.14 2.53 5.63
C GLY B 425 -21.12 3.57 5.20
N VAL B 426 -20.99 3.90 3.91
CA VAL B 426 -19.89 4.82 3.49
C VAL B 426 -20.32 6.19 3.98
N ASN B 427 -19.39 6.97 4.55
CA ASN B 427 -19.69 8.28 5.18
C ASN B 427 -19.71 9.39 4.13
N VAL B 428 -20.70 9.38 3.21
CA VAL B 428 -20.91 10.42 2.15
C VAL B 428 -22.13 11.24 2.49
N GLY B 429 -21.97 12.56 2.65
CA GLY B 429 -23.06 13.44 3.08
C GLY B 429 -23.37 14.54 2.08
N GLY B 430 -22.90 14.43 0.83
CA GLY B 430 -23.19 15.45 -0.18
C GLY B 430 -22.86 15.05 -1.60
N TYR B 431 -23.53 15.70 -2.54
CA TYR B 431 -23.39 15.51 -4.00
C TYR B 431 -23.69 16.84 -4.69
N TYR B 432 -22.68 17.30 -5.42
CA TYR B 432 -22.74 18.49 -6.28
C TYR B 432 -22.52 18.09 -7.74
N ALA B 433 -23.53 18.40 -8.54
CA ALA B 433 -23.42 18.21 -10.00
C ALA B 433 -22.44 19.21 -10.61
N TRP B 434 -21.74 18.79 -11.65
CA TRP B 434 -20.94 19.72 -12.48
C TRP B 434 -21.64 19.75 -13.85
N THR B 435 -22.22 20.89 -14.26
CA THR B 435 -22.19 22.23 -13.62
C THR B 435 -23.59 22.87 -13.64
N TRP B 436 -23.76 24.03 -13.01
CA TRP B 436 -25.08 24.70 -12.98
C TRP B 436 -25.46 25.17 -14.39
N MET B 437 -24.54 25.87 -15.06
CA MET B 437 -24.71 26.25 -16.49
C MET B 437 -23.44 26.01 -17.30
N ASP B 438 -23.58 25.98 -18.61
CA ASP B 438 -22.46 25.79 -19.56
C ASP B 438 -21.44 26.89 -19.28
N ASP B 439 -20.15 26.54 -19.26
CA ASP B 439 -19.13 27.47 -18.74
C ASP B 439 -17.82 27.34 -19.52
N PHE B 440 -16.83 28.11 -19.10
CA PHE B 440 -15.43 28.01 -19.57
C PHE B 440 -14.80 26.79 -18.91
N GLU B 441 -14.21 25.92 -19.69
CA GLU B 441 -13.66 24.62 -19.25
C GLU B 441 -12.16 24.59 -19.55
N TRP B 442 -11.47 25.65 -19.15
CA TRP B 442 -9.99 25.66 -19.11
C TRP B 442 -9.42 25.51 -20.54
N GLY B 443 -8.52 24.56 -20.75
CA GLY B 443 -7.91 24.32 -22.06
C GLY B 443 -8.87 23.85 -23.12
N SER B 444 -10.05 23.36 -22.74
CA SER B 444 -11.16 23.04 -23.68
C SER B 444 -11.99 24.30 -24.04
N GLY B 445 -11.71 25.45 -23.43
CA GLY B 445 -12.50 26.67 -23.66
C GLY B 445 -13.98 26.37 -23.51
N TYR B 446 -14.82 26.82 -24.42
CA TYR B 446 -16.29 26.65 -24.28
C TYR B 446 -16.73 25.46 -25.12
N THR B 447 -15.78 24.67 -25.65
CA THR B 447 -16.09 23.49 -26.50
C THR B 447 -16.97 22.47 -25.75
N PRO B 448 -16.82 22.18 -24.42
CA PRO B 448 -17.73 21.26 -23.73
C PRO B 448 -18.83 22.02 -22.97
N ARG B 449 -20.06 21.55 -23.08
CA ARG B 449 -21.24 22.07 -22.33
C ARG B 449 -21.56 21.09 -21.18
N PHE B 450 -21.24 21.43 -19.92
CA PHE B 450 -21.40 20.50 -18.78
C PHE B 450 -22.67 20.87 -17.99
N GLY B 451 -23.45 21.85 -18.46
CA GLY B 451 -24.47 22.55 -17.66
C GLY B 451 -25.78 21.79 -17.54
N LEU B 452 -26.54 22.06 -16.47
CA LEU B 452 -27.98 21.71 -16.33
C LEU B 452 -28.82 22.73 -17.11
N ASN B 453 -28.20 23.89 -17.32
CA ASN B 453 -28.70 25.05 -18.11
C ASN B 453 -27.79 25.29 -19.31
N PHE B 454 -28.38 25.32 -20.50
CA PHE B 454 -27.73 25.75 -21.76
C PHE B 454 -27.49 27.25 -21.65
N VAL B 455 -26.31 27.72 -22.10
CA VAL B 455 -25.95 29.16 -22.16
C VAL B 455 -25.66 29.48 -23.63
N ASP B 456 -26.43 30.41 -24.18
CA ASP B 456 -26.32 30.85 -25.59
C ASP B 456 -25.31 32.01 -25.66
N PHE B 457 -24.05 31.68 -25.96
CA PHE B 457 -22.91 32.63 -26.05
C PHE B 457 -23.15 33.58 -27.23
N ASP B 458 -24.01 33.21 -28.20
CA ASP B 458 -24.39 34.08 -29.34
C ASP B 458 -25.68 34.85 -29.06
N ASN B 459 -26.42 34.58 -27.98
CA ASN B 459 -27.73 35.24 -27.71
C ASN B 459 -27.70 35.87 -26.33
N ASP B 460 -26.77 36.81 -26.12
CA ASP B 460 -26.62 37.56 -24.85
C ASP B 460 -26.56 36.60 -23.64
N LEU B 461 -25.94 35.42 -23.80
CA LEU B 461 -25.69 34.47 -22.68
C LEU B 461 -27.02 34.10 -22.00
N LYS B 462 -28.13 34.03 -22.75
CA LYS B 462 -29.45 33.53 -22.21
C LYS B 462 -29.29 32.09 -21.68
N ARG B 463 -29.72 31.87 -20.45
CA ARG B 463 -29.77 30.54 -19.82
C ARG B 463 -31.10 29.90 -20.23
N THR B 464 -31.04 28.74 -20.88
CA THR B 464 -32.23 27.91 -21.16
C THR B 464 -32.15 26.62 -20.34
N PRO B 465 -33.13 26.26 -19.49
CA PRO B 465 -33.10 24.99 -18.77
C PRO B 465 -33.09 23.78 -19.73
N LYS B 466 -32.17 22.85 -19.52
CA LYS B 466 -32.11 21.57 -20.24
C LYS B 466 -33.09 20.61 -19.55
N ASP B 467 -33.41 19.52 -20.24
CA ASP B 467 -34.21 18.41 -19.68
C ASP B 467 -33.66 17.90 -18.34
N SER B 468 -32.33 17.87 -18.14
CA SER B 468 -31.64 17.46 -16.87
C SER B 468 -32.07 18.37 -15.71
N TYR B 469 -32.27 19.66 -15.96
CA TYR B 469 -32.70 20.63 -14.93
C TYR B 469 -34.06 20.16 -14.39
N PHE B 470 -34.96 19.79 -15.29
CA PHE B 470 -36.34 19.31 -14.95
C PHE B 470 -36.20 17.93 -14.29
N TRP B 471 -35.27 17.07 -14.72
CA TRP B 471 -35.09 15.74 -14.06
C TRP B 471 -34.64 15.98 -12.63
N PHE B 472 -33.77 16.96 -12.36
CA PHE B 472 -33.26 17.23 -10.99
C PHE B 472 -34.40 17.84 -10.16
N LYS B 473 -35.16 18.76 -10.74
CA LYS B 473 -36.29 19.42 -10.03
C LYS B 473 -37.22 18.33 -9.48
N ASP B 474 -37.61 17.40 -10.36
CA ASP B 474 -38.55 16.29 -10.05
C ASP B 474 -37.94 15.40 -8.96
N PHE B 475 -36.67 15.05 -9.10
CA PHE B 475 -35.92 14.18 -8.16
C PHE B 475 -35.95 14.83 -6.76
N LEU B 476 -35.61 16.12 -6.69
CA LEU B 476 -35.34 16.86 -5.43
C LEU B 476 -36.65 17.10 -4.70
N ALA B 477 -37.77 17.11 -5.42
CA ALA B 477 -39.11 17.38 -4.85
C ALA B 477 -39.84 16.08 -4.46
N ASN B 478 -39.20 14.92 -4.63
CA ASN B 478 -39.92 13.64 -4.37
C ASN B 478 -39.07 12.71 -3.50
#